data_1HHY
# 
_entry.id   1HHY 
# 
_audit_conform.dict_name       mmcif_pdbx.dic 
_audit_conform.dict_version    5.403 
_audit_conform.dict_location   http://mmcif.pdb.org/dictionaries/ascii/mmcif_pdbx.dic 
# 
loop_
_database_2.database_id 
_database_2.database_code 
_database_2.pdbx_database_accession 
_database_2.pdbx_DOI 
PDB   1HHY         pdb_00001hhy 10.2210/pdb1hhy/pdb 
PDBE  EBI-5733     ?            ?                   
WWPDB D_1290005733 ?            ?                   
# 
loop_
_pdbx_audit_revision_history.ordinal 
_pdbx_audit_revision_history.data_content_type 
_pdbx_audit_revision_history.major_revision 
_pdbx_audit_revision_history.minor_revision 
_pdbx_audit_revision_history.revision_date 
_pdbx_audit_revision_history.part_number 
1 'Structure model' 1 0 2003-09-05 ? 
2 'Structure model' 1 1 2011-07-13 ? 
3 'Structure model' 1 2 2012-07-25 ? 
4 'Structure model' 1 3 2012-11-30 ? 
5 'Structure model' 2 0 2019-04-24 ? 
6 'Structure model' 2 1 2019-07-10 ? 
7 'Structure model' 2 2 2019-07-24 ? 
8 'Structure model' 2 3 2020-07-29 ? 
9 'Structure model' 2 4 2025-04-09 ? 
# 
loop_
_pdbx_audit_revision_details.ordinal 
_pdbx_audit_revision_details.revision_ordinal 
_pdbx_audit_revision_details.data_content_type 
_pdbx_audit_revision_details.provider 
_pdbx_audit_revision_details.type 
_pdbx_audit_revision_details.description 
_pdbx_audit_revision_details.details 
1 1 'Structure model' repository 'Initial release' ?                          ? 
2 8 'Structure model' repository Remediation       'Carbohydrate remediation' ? 
# 
loop_
_pdbx_audit_revision_group.ordinal 
_pdbx_audit_revision_group.revision_ordinal 
_pdbx_audit_revision_group.data_content_type 
_pdbx_audit_revision_group.group 
1  2 'Structure model' 'Atomic model'              
2  2 'Structure model' 'Database references'       
3  2 'Structure model' 'Derived calculations'      
4  2 'Structure model' 'Structure summary'         
5  2 'Structure model' 'Version format compliance' 
6  3 'Structure model' 'Atomic model'              
7  3 'Structure model' 'Derived calculations'      
8  3 'Structure model' 'Non-polymer description'   
9  3 'Structure model' Other                       
10 4 'Structure model' Other                       
11 5 'Structure model' 'Data collection'           
12 5 'Structure model' 'Derived calculations'      
13 5 'Structure model' Other                       
14 5 'Structure model' 'Polymer sequence'          
15 6 'Structure model' 'Data collection'           
16 7 'Structure model' 'Data collection'           
17 8 'Structure model' 'Data collection'           
18 8 'Structure model' 'Derived calculations'      
19 8 'Structure model' Other                       
20 9 'Structure model' 'Data collection'           
21 9 'Structure model' 'Database references'       
22 9 'Structure model' 'Derived calculations'      
23 9 'Structure model' 'Structure summary'         
# 
loop_
_pdbx_audit_revision_category.ordinal 
_pdbx_audit_revision_category.revision_ordinal 
_pdbx_audit_revision_category.data_content_type 
_pdbx_audit_revision_category.category 
1  5 'Structure model' diffrn_source               
2  5 'Structure model' entity_poly                 
3  5 'Structure model' pdbx_database_proc          
4  5 'Structure model' pdbx_database_status        
5  5 'Structure model' pdbx_seq_map_depositor_info 
6  5 'Structure model' struct_conn                 
7  6 'Structure model' diffrn_source               
8  7 'Structure model' diffrn_source               
9  8 'Structure model' chem_comp                   
10 8 'Structure model' pdbx_database_status        
11 8 'Structure model' pdbx_struct_conn_angle      
12 8 'Structure model' struct_conn                 
13 8 'Structure model' struct_conn_type            
14 8 'Structure model' struct_site                 
15 8 'Structure model' struct_site_gen             
16 9 'Structure model' chem_comp_atom              
17 9 'Structure model' chem_comp_bond              
18 9 'Structure model' database_2                  
19 9 'Structure model' pdbx_entry_details          
20 9 'Structure model' pdbx_modification_feature   
21 9 'Structure model' struct_conn                 
# 
loop_
_pdbx_audit_revision_item.ordinal 
_pdbx_audit_revision_item.revision_ordinal 
_pdbx_audit_revision_item.data_content_type 
_pdbx_audit_revision_item.item 
1  5 'Structure model' '_diffrn_source.pdbx_synchrotron_site'         
2  5 'Structure model' '_entity_poly.pdbx_seq_one_letter_code_can'    
3  5 'Structure model' '_pdbx_database_status.recvd_author_approval'  
4  5 'Structure model' '_pdbx_seq_map_depositor_info.one_letter_code' 
5  5 'Structure model' '_struct_conn.pdbx_leaving_atom_flag'          
6  6 'Structure model' '_diffrn_source.pdbx_synchrotron_site'         
7  7 'Structure model' '_diffrn_source.pdbx_synchrotron_site'         
8  8 'Structure model' '_chem_comp.type'                              
9  8 'Structure model' '_pdbx_database_status.status_code_sf'         
10 8 'Structure model' '_pdbx_struct_conn_angle.ptnr1_auth_seq_id'    
11 8 'Structure model' '_pdbx_struct_conn_angle.ptnr1_symmetry'       
12 8 'Structure model' '_pdbx_struct_conn_angle.ptnr3_auth_seq_id'    
13 8 'Structure model' '_pdbx_struct_conn_angle.ptnr3_symmetry'       
14 8 'Structure model' '_pdbx_struct_conn_angle.value'                
15 8 'Structure model' '_struct_conn.conn_type_id'                    
16 8 'Structure model' '_struct_conn.id'                              
17 8 'Structure model' '_struct_conn.pdbx_dist_value'                 
18 8 'Structure model' '_struct_conn.pdbx_leaving_atom_flag'          
19 8 'Structure model' '_struct_conn.pdbx_ptnr1_label_alt_id'         
20 8 'Structure model' '_struct_conn.pdbx_ptnr2_label_alt_id'         
21 8 'Structure model' '_struct_conn.ptnr1_auth_asym_id'              
22 8 'Structure model' '_struct_conn.ptnr1_auth_comp_id'              
23 8 'Structure model' '_struct_conn.ptnr1_auth_seq_id'               
24 8 'Structure model' '_struct_conn.ptnr1_label_asym_id'             
25 8 'Structure model' '_struct_conn.ptnr1_label_atom_id'             
26 8 'Structure model' '_struct_conn.ptnr1_label_comp_id'             
27 8 'Structure model' '_struct_conn.ptnr1_label_seq_id'              
28 8 'Structure model' '_struct_conn.ptnr1_symmetry'                  
29 8 'Structure model' '_struct_conn.ptnr2_auth_asym_id'              
30 8 'Structure model' '_struct_conn.ptnr2_auth_comp_id'              
31 8 'Structure model' '_struct_conn.ptnr2_auth_seq_id'               
32 8 'Structure model' '_struct_conn.ptnr2_label_asym_id'             
33 8 'Structure model' '_struct_conn.ptnr2_label_atom_id'             
34 8 'Structure model' '_struct_conn.ptnr2_label_comp_id'             
35 8 'Structure model' '_struct_conn.ptnr2_label_seq_id'              
36 8 'Structure model' '_struct_conn.ptnr2_symmetry'                  
37 8 'Structure model' '_struct_conn_type.id'                         
38 9 'Structure model' '_database_2.pdbx_DOI'                         
39 9 'Structure model' '_database_2.pdbx_database_accession'          
40 9 'Structure model' '_pdbx_entry_details.has_protein_modification' 
41 9 'Structure model' '_struct_conn.pdbx_leaving_atom_flag'          
# 
_pdbx_database_status.status_code                     REL 
_pdbx_database_status.entry_id                        1HHY 
_pdbx_database_status.deposit_site                    PDBE 
_pdbx_database_status.process_site                    PDBE 
_pdbx_database_status.SG_entry                        . 
_pdbx_database_status.recvd_initial_deposition_date   2000-12-29 
_pdbx_database_status.pdb_format_compatible           Y 
_pdbx_database_status.status_code_sf                  REL 
_pdbx_database_status.status_code_mr                  ? 
_pdbx_database_status.status_code_cs                  ? 
_pdbx_database_status.methods_development_category    ? 
_pdbx_database_status.status_code_nmr_data            ? 
# 
loop_
_pdbx_database_related.db_name 
_pdbx_database_related.db_id 
_pdbx_database_related.content_type 
_pdbx_database_related.details 
PDB 1GO6 unspecified 'CRYSTAL STRUCTURE OF BALHIMYCIN COMPLEXED WITH THE PEPTIDE LYS-DAL-DAL'       
PDB 1HHU unspecified 'CRYSTAL STRUCTURE OF BALHIMYCIN COMPLEXED WITH DAL-DAL'                       
PDB 1HHZ unspecified 'CRYSTAL STRUCTURE OF DEGLUCOBALHIMYCIN COPMLEXED WITH CELL WALL PENTAPEPTIDE' 
# 
loop_
_audit_author.name 
_audit_author.pdbx_ordinal 
'Lehmann, C.'     1 
'Bunkoczi, G.'    2 
'Sheldrick, G.M.' 3 
'Vertesy, L.'     4 
# 
_citation.id                        primary 
_citation.title                     
'Structures of Glycopeptide Antibiotics with Peptides that Model Bacterial Cell-Wall Precursors' 
_citation.journal_abbrev            J.Mol.Biol. 
_citation.journal_volume            318 
_citation.page_first                723 
_citation.page_last                 ? 
_citation.year                      2002 
_citation.journal_id_ASTM           JMOBAK 
_citation.country                   UK 
_citation.journal_id_ISSN           0022-2836 
_citation.journal_id_CSD            0070 
_citation.book_publisher            ? 
_citation.pdbx_database_id_PubMed   12054818 
_citation.pdbx_database_id_DOI      '10.1016/S0022-2836(02)00146-8' 
# 
loop_
_citation_author.citation_id 
_citation_author.name 
_citation_author.ordinal 
_citation_author.identifier_ORCID 
primary 'Lehmann, C.'     1 ? 
primary 'Bunkoczi, G.'    2 ? 
primary 'Vertesy, L.'     3 ? 
primary 'Sheldrick, G.M.' 4 ? 
# 
loop_
_entity.id 
_entity.type 
_entity.src_method 
_entity.pdbx_description 
_entity.formula_weight 
_entity.pdbx_number_of_molecules 
_entity.pdbx_ec 
_entity.pdbx_mutation 
_entity.pdbx_fragment 
_entity.details 
1 polymer     syn DEGLUCOBALHIMYCIN                                    1149.977 2  ? ? ? ? 
2 non-polymer man '(2R,4S,6S)-4-azanyl-4,6-dimethyl-oxane-2,5,5-triol' 177.198  2  ? ? ? ? 
3 non-polymer syn D-ALANINE                                            89.093   4  ? ? ? ? 
4 non-polymer syn 'SODIUM ION'                                         22.990   2  ? ? ? ? 
5 non-polymer syn S-1,2-PROPANEDIOL                                    76.094   1  ? ? ? ? 
6 water       nat water                                                18.015   53 ? ? ? ? 
# 
_entity_poly.entity_id                      1 
_entity_poly.type                           'polypeptide(L)' 
_entity_poly.nstd_linkage                   no 
_entity_poly.nstd_monomer                   yes 
_entity_poly.pdbx_seq_one_letter_code       '(MLU)(OMZ)N(GHP)(GHP)(OMY)(3FG)' 
_entity_poly.pdbx_seq_one_letter_code_can   XXNGGYX 
_entity_poly.pdbx_strand_id                 A,B 
_entity_poly.pdbx_target_identifier         ? 
# 
loop_
_pdbx_entity_nonpoly.entity_id 
_pdbx_entity_nonpoly.name 
_pdbx_entity_nonpoly.comp_id 
2 '(2R,4S,6S)-4-azanyl-4,6-dimethyl-oxane-2,5,5-triol' DVC 
3 D-ALANINE                                            DAL 
4 'SODIUM ION'                                         NA  
5 S-1,2-PROPANEDIOL                                    PGO 
6 water                                                HOH 
# 
loop_
_entity_poly_seq.entity_id 
_entity_poly_seq.num 
_entity_poly_seq.mon_id 
_entity_poly_seq.hetero 
1 1 MLU n 
1 2 OMZ n 
1 3 ASN n 
1 4 GHP n 
1 5 GHP n 
1 6 OMY n 
1 7 3FG n 
# 
_pdbx_entity_src_syn.entity_id              1 
_pdbx_entity_src_syn.pdbx_src_id            1 
_pdbx_entity_src_syn.pdbx_alt_source_flag   sample 
_pdbx_entity_src_syn.pdbx_beg_seq_num       ? 
_pdbx_entity_src_syn.pdbx_end_seq_num       ? 
_pdbx_entity_src_syn.organism_scientific    'AMYCOLATOPSIS SP.' 
_pdbx_entity_src_syn.organism_common_name   ? 
_pdbx_entity_src_syn.ncbi_taxonomy_id       37632 
_pdbx_entity_src_syn.details                ? 
# 
loop_
_chem_comp.id 
_chem_comp.type 
_chem_comp.mon_nstd_flag 
_chem_comp.name 
_chem_comp.pdbx_synonyms 
_chem_comp.formula 
_chem_comp.formula_weight 
3FG 'L-peptide linking'           . '(2S)-amino(3,5-dihydroxyphenyl)ethanoic acid'       ? 'C8 H9 N O4'     183.161 
ASN 'L-peptide linking'           y ASPARAGINE                                           ? 'C4 H8 N2 O3'    132.118 
DAL 'D-peptide linking'           . D-ALANINE                                            ? 'C3 H7 N O2'     89.093  
DVC 'L-saccharide, alpha linking' . '(2R,4S,6S)-4-azanyl-4,6-dimethyl-oxane-2,5,5-triol' ? 'C7 H15 N O4'    177.198 
GHP 'D-peptide linking'           . '(2R)-amino(4-hydroxyphenyl)ethanoic acid'           ? 'C8 H9 N O3'     167.162 
HOH non-polymer                   . WATER                                                ? 'H2 O'           18.015  
MLU 'D-peptide linking'           . N-methyl-D-leucine                                   ? 'C7 H15 N O2'    145.199 
NA  non-polymer                   . 'SODIUM ION'                                         ? 'Na 1'           22.990  
OMY 'L-peptide linking'           n '(betaR)-3-chloro-beta-hydroxy-L-tyrosine'           ? 'C9 H10 Cl N O4' 231.633 
OMZ 'D-peptide linking'           . '(betaR)-3-CHLORO-BETA-HYDROXY-D-TYROSINE'           ? 'C9 H10 Cl N O4' 231.633 
PGO non-polymer                   . S-1,2-PROPANEDIOL                                    ? 'C3 H8 O2'       76.094  
# 
loop_
_pdbx_poly_seq_scheme.asym_id 
_pdbx_poly_seq_scheme.entity_id 
_pdbx_poly_seq_scheme.seq_id 
_pdbx_poly_seq_scheme.mon_id 
_pdbx_poly_seq_scheme.ndb_seq_num 
_pdbx_poly_seq_scheme.pdb_seq_num 
_pdbx_poly_seq_scheme.auth_seq_num 
_pdbx_poly_seq_scheme.pdb_mon_id 
_pdbx_poly_seq_scheme.auth_mon_id 
_pdbx_poly_seq_scheme.pdb_strand_id 
_pdbx_poly_seq_scheme.pdb_ins_code 
_pdbx_poly_seq_scheme.hetero 
A 1 1 MLU 1 1 1 MLU MLU A . n 
A 1 2 OMZ 2 2 2 OMZ OMZ A . n 
A 1 3 ASN 3 3 3 ASN ASN A . n 
A 1 4 GHP 4 4 4 GHP GHP A . n 
A 1 5 GHP 5 5 5 GHP GHP A . n 
A 1 6 OMY 6 6 6 OMY OMY A . n 
A 1 7 3FG 7 7 7 3FG 3FG A . n 
B 1 1 MLU 1 1 1 MLU MLU B . n 
B 1 2 OMZ 2 2 2 OMZ OMZ B . n 
B 1 3 ASN 3 3 3 ASN ASN B . n 
B 1 4 GHP 4 4 4 GHP GHP B . n 
B 1 5 GHP 5 5 5 GHP GHP B . n 
B 1 6 OMY 6 6 6 OMY OMY B . n 
B 1 7 3FG 7 7 7 3FG 3FG B . n 
# 
loop_
_pdbx_nonpoly_scheme.asym_id 
_pdbx_nonpoly_scheme.entity_id 
_pdbx_nonpoly_scheme.mon_id 
_pdbx_nonpoly_scheme.ndb_seq_num 
_pdbx_nonpoly_scheme.pdb_seq_num 
_pdbx_nonpoly_scheme.auth_seq_num 
_pdbx_nonpoly_scheme.pdb_mon_id 
_pdbx_nonpoly_scheme.auth_mon_id 
_pdbx_nonpoly_scheme.pdb_strand_id 
_pdbx_nonpoly_scheme.pdb_ins_code 
C 2 DVC 1  9    9    DVC DVC A . 
D 3 DAL 1  11   11   DAL DAL A . 
E 3 DAL 1  12   12   DAL DAL A . 
F 4 NA  1  1001 1001 NA  NA  A . 
G 2 DVC 1  9    9    DVC DVC B . 
H 3 DAL 1  11   11   DAL DAL B . 
I 3 DAL 1  12   12   DAL DAL B . 
J 5 PGO 1  1001 1001 PGO PGO B . 
K 4 NA  1  1002 1002 NA  NA  B . 
L 6 HOH 1  2001 2001 HOH HOH A . 
L 6 HOH 2  2002 2002 HOH HOH A . 
L 6 HOH 3  2003 2003 HOH HOH A . 
L 6 HOH 4  2004 2004 HOH HOH A . 
L 6 HOH 5  2005 2005 HOH HOH A . 
L 6 HOH 6  2006 2006 HOH HOH A . 
L 6 HOH 7  2007 2007 HOH HOH A . 
L 6 HOH 8  2008 2008 HOH HOH A . 
L 6 HOH 9  2009 2009 HOH HOH A . 
L 6 HOH 10 2010 2010 HOH HOH A . 
L 6 HOH 11 2011 2011 HOH HOH A . 
L 6 HOH 12 2012 2012 HOH HOH A . 
L 6 HOH 13 2013 2013 HOH HOH A . 
L 6 HOH 14 2014 2014 HOH HOH A . 
L 6 HOH 15 2015 2015 HOH HOH A . 
L 6 HOH 16 2016 2016 HOH HOH A . 
L 6 HOH 17 2017 2017 HOH HOH A . 
L 6 HOH 18 2018 2018 HOH HOH A . 
L 6 HOH 19 2019 2019 HOH HOH A . 
L 6 HOH 20 2020 2020 HOH HOH A . 
L 6 HOH 21 2021 2021 HOH HOH A . 
L 6 HOH 22 2022 2022 HOH HOH A . 
L 6 HOH 23 2023 2023 HOH HOH A . 
M 6 HOH 1  2001 2001 HOH HOH B . 
M 6 HOH 2  2002 2002 HOH HOH B . 
M 6 HOH 3  2003 2003 HOH HOH B . 
M 6 HOH 4  2004 2004 HOH HOH B . 
M 6 HOH 5  2005 2005 HOH HOH B . 
M 6 HOH 6  2006 2006 HOH HOH B . 
M 6 HOH 7  2007 2007 HOH HOH B . 
M 6 HOH 8  2008 2008 HOH HOH B . 
M 6 HOH 9  2009 2009 HOH HOH B . 
M 6 HOH 10 2010 2010 HOH HOH B . 
M 6 HOH 11 2011 2011 HOH HOH B . 
M 6 HOH 12 2012 2012 HOH HOH B . 
M 6 HOH 13 2013 2013 HOH HOH B . 
M 6 HOH 14 2014 2014 HOH HOH B . 
M 6 HOH 15 2015 2015 HOH HOH B . 
M 6 HOH 16 2016 2016 HOH HOH B . 
M 6 HOH 17 2017 2017 HOH HOH B . 
M 6 HOH 18 2018 2018 HOH HOH B . 
M 6 HOH 19 2019 2019 HOH HOH B . 
M 6 HOH 20 2020 2020 HOH HOH B . 
M 6 HOH 21 2021 2021 HOH HOH B . 
M 6 HOH 22 2022 2022 HOH HOH B . 
M 6 HOH 23 2023 2023 HOH HOH B . 
M 6 HOH 24 2024 2024 HOH HOH B . 
M 6 HOH 25 2025 2025 HOH HOH B . 
M 6 HOH 26 2026 2026 HOH HOH B . 
M 6 HOH 27 2027 2027 HOH HOH B . 
M 6 HOH 28 2028 2028 HOH HOH B . 
M 6 HOH 29 2029 2029 HOH HOH B . 
M 6 HOH 30 2030 2030 HOH HOH B . 
# 
loop_
_software.name 
_software.classification 
_software.version 
_software.citation_id 
_software.pdbx_ordinal 
SHELXL-97 refinement       . ? 1 
DENZO     'data reduction' . ? 2 
SCALEPACK 'data scaling'   . ? 3 
SHELX     phasing          . ? 4 
# 
_cell.entry_id           1HHY 
_cell.length_a           48.444 
_cell.length_b           48.444 
_cell.length_c           43.086 
_cell.angle_alpha        90.00 
_cell.angle_beta         90.00 
_cell.angle_gamma        120.00 
_cell.Z_PDB              24 
_cell.pdbx_unique_axis   ? 
# 
_symmetry.entry_id                         1HHY 
_symmetry.space_group_name_H-M             'P 63 2 2' 
_symmetry.pdbx_full_space_group_name_H-M   ? 
_symmetry.cell_setting                     ? 
_symmetry.Int_Tables_number                182 
# 
_exptl.entry_id          1HHY 
_exptl.method            'X-RAY DIFFRACTION' 
_exptl.crystals_number   1 
# 
_exptl_crystal.id                    1 
_exptl_crystal.density_meas          ? 
_exptl_crystal.density_Matthews      2.4 
_exptl_crystal.density_percent_sol   31.0 
_exptl_crystal.description           ? 
# 
_exptl_crystal_grow.crystal_id      1 
_exptl_crystal_grow.method          ? 
_exptl_crystal_grow.temp            ? 
_exptl_crystal_grow.temp_details    ? 
_exptl_crystal_grow.pH              7.00 
_exptl_crystal_grow.pdbx_pH_range   ? 
_exptl_crystal_grow.pdbx_details    '0.3M CIT, PH=7, 30% 1,2-PROPANEDIOL, pH 7.00' 
# 
_diffrn.id                     1 
_diffrn.ambient_temp           100.0 
_diffrn.ambient_temp_details   ? 
_diffrn.crystal_id             1 
# 
_diffrn_detector.diffrn_id              1 
_diffrn_detector.detector               'IMAGE PLATE' 
_diffrn_detector.type                   MARRESEARCH 
_diffrn_detector.pdbx_collection_date   1998-09-15 
_diffrn_detector.details                ? 
# 
_diffrn_radiation.diffrn_id                        1 
_diffrn_radiation.wavelength_id                    1 
_diffrn_radiation.pdbx_monochromatic_or_laue_m_l   M 
_diffrn_radiation.monochromator                    ? 
_diffrn_radiation.pdbx_diffrn_protocol             'SINGLE WAVELENGTH' 
_diffrn_radiation.pdbx_scattering_type             x-ray 
# 
_diffrn_radiation_wavelength.id           1 
_diffrn_radiation_wavelength.wavelength   0.9076 
_diffrn_radiation_wavelength.wt           1.0 
# 
_diffrn_source.diffrn_id                   1 
_diffrn_source.source                      SYNCHROTRON 
_diffrn_source.type                        'EMBL/DESY, HAMBURG BEAMLINE X11' 
_diffrn_source.pdbx_synchrotron_site       'EMBL/DESY, HAMBURG' 
_diffrn_source.pdbx_synchrotron_beamline   X11 
_diffrn_source.pdbx_wavelength             0.9076 
_diffrn_source.pdbx_wavelength_list        ? 
# 
_reflns.pdbx_diffrn_id               1 
_reflns.pdbx_ordinal                 1 
_reflns.entry_id                     1HHY 
_reflns.observed_criterion_sigma_I   ? 
_reflns.observed_criterion_sigma_F   ? 
_reflns.d_resolution_low             30.060 
_reflns.d_resolution_high            0.890 
_reflns.number_obs                   22973 
_reflns.number_all                   ? 
_reflns.percent_possible_obs         98.9 
_reflns.pdbx_Rmerge_I_obs            0.02980 
_reflns.pdbx_Rsym_value              ? 
_reflns.pdbx_netI_over_sigmaI        62.9300 
_reflns.B_iso_Wilson_estimate        ? 
_reflns.pdbx_redundancy              7.390 
# 
_reflns_shell.pdbx_diffrn_id         1 
_reflns_shell.pdbx_ordinal           1 
_reflns_shell.d_res_high             0.89 
_reflns_shell.d_res_low              1.00 
_reflns_shell.percent_possible_all   98.0 
_reflns_shell.Rmerge_I_obs           0.08000 
_reflns_shell.pdbx_Rsym_value        ? 
_reflns_shell.meanI_over_sigI_obs    28.950 
_reflns_shell.pdbx_redundancy        7.45 
# 
_refine.pdbx_refine_id                           'X-RAY DIFFRACTION' 
_refine.entry_id                                 1HHY 
_refine.pdbx_diffrn_id                           1 
_refine.pdbx_TLS_residual_ADP_flag               ? 
_refine.ls_number_reflns_obs                     ? 
_refine.ls_number_reflns_all                     22768 
_refine.pdbx_ls_sigma_I                          ? 
_refine.pdbx_ls_sigma_F                          0.0 
_refine.pdbx_data_cutoff_high_absF               ? 
_refine.pdbx_data_cutoff_low_absF                ? 
_refine.pdbx_data_cutoff_high_rms_absF           ? 
_refine.ls_d_res_low                             30.06 
_refine.ls_d_res_high                            0.89 
_refine.ls_percent_reflns_obs                    98.9 
_refine.ls_R_factor_obs                          0.1212 
_refine.ls_R_factor_all                          0.1217 
_refine.ls_R_factor_R_work                       ? 
_refine.ls_R_factor_R_free                       0.1394 
_refine.ls_R_factor_R_free_error                 ? 
_refine.ls_R_factor_R_free_error_details         ? 
_refine.ls_percent_reflns_R_free                 5.0 
_refine.ls_number_reflns_R_free                  1127 
_refine.ls_number_parameters                     2450 
_refine.ls_number_restraints                     2978 
_refine.occupancy_min                            ? 
_refine.occupancy_max                            ? 
_refine.correlation_coeff_Fo_to_Fc               ? 
_refine.correlation_coeff_Fo_to_Fc_free          ? 
_refine.B_iso_mean                               ? 
_refine.aniso_B[1][1]                            ? 
_refine.aniso_B[2][2]                            ? 
_refine.aniso_B[3][3]                            ? 
_refine.aniso_B[1][2]                            ? 
_refine.aniso_B[1][3]                            ? 
_refine.aniso_B[2][3]                            ? 
_refine.solvent_model_details                    'METHOD USED: MOEWS & KRETSINGER, J.MOL.BIOL.91(1973)201-228' 
_refine.solvent_model_param_ksol                 ? 
_refine.solvent_model_param_bsol                 ? 
_refine.pdbx_solvent_vdw_probe_radii             ? 
_refine.pdbx_solvent_ion_probe_radii             ? 
_refine.pdbx_solvent_shrinkage_radii             ? 
_refine.pdbx_ls_cross_valid_method               THROUGHOUT 
_refine.details                                  ? 
_refine.pdbx_starting_model                      ? 
_refine.pdbx_method_to_determine_struct          'DIRECT METHODS' 
_refine.pdbx_isotropic_thermal_model             ? 
_refine.pdbx_stereochemistry_target_values       'ENGH AND HUBER' 
_refine.pdbx_stereochem_target_val_spec_case     ? 
_refine.pdbx_R_Free_selection_details            SHELLS 
_refine.pdbx_overall_ESU_R                       ? 
_refine.pdbx_overall_ESU_R_Free                  ? 
_refine.overall_SU_ML                            ? 
_refine.pdbx_overall_phase_error                 ? 
_refine.overall_SU_B                             ? 
_refine.overall_SU_R_Cruickshank_DPI             ? 
_refine.pdbx_overall_SU_R_free_Cruickshank_DPI   ? 
_refine.pdbx_overall_SU_R_Blow_DPI               ? 
_refine.pdbx_overall_SU_R_free_Blow_DPI          ? 
# 
_refine_analyze.pdbx_refine_id                  'X-RAY DIFFRACTION' 
_refine_analyze.entry_id                        1HHY 
_refine_analyze.Luzzati_coordinate_error_obs    ? 
_refine_analyze.Luzzati_sigma_a_obs             ? 
_refine_analyze.Luzzati_d_res_low_obs           ? 
_refine_analyze.Luzzati_coordinate_error_free   ? 
_refine_analyze.Luzzati_sigma_a_free            ? 
_refine_analyze.Luzzati_d_res_low_free          ? 
_refine_analyze.number_disordered_residues      1 
_refine_analyze.occupancy_sum_hydrogen          156.00 
_refine_analyze.occupancy_sum_non_hydrogen      261.13 
# 
_refine_hist.pdbx_refine_id                   'X-RAY DIFFRACTION' 
_refine_hist.cycle_id                         LAST 
_refine_hist.pdbx_number_atoms_protein        160 
_refine_hist.pdbx_number_atoms_nucleic_acid   0 
_refine_hist.pdbx_number_atoms_ligand         51 
_refine_hist.number_atoms_solvent             53 
_refine_hist.number_atoms_total               264 
_refine_hist.d_res_high                       0.89 
_refine_hist.d_res_low                        30.06 
# 
loop_
_refine_ls_restr.type 
_refine_ls_restr.dev_ideal 
_refine_ls_restr.dev_ideal_target 
_refine_ls_restr.weight 
_refine_ls_restr.number 
_refine_ls_restr.pdbx_refine_id 
_refine_ls_restr.pdbx_restraint_function 
s_bond_d               0.021 ? ? ? 'X-RAY DIFFRACTION' ? 
s_angle_d              0.036 ? ? ? 'X-RAY DIFFRACTION' ? 
s_similar_dist         ?     ? ? ? 'X-RAY DIFFRACTION' ? 
s_from_restr_planes    0.096 ? ? ? 'X-RAY DIFFRACTION' ? 
s_zero_chiral_vol      0.102 ? ? ? 'X-RAY DIFFRACTION' ? 
s_non_zero_chiral_vol  ?     ? ? ? 'X-RAY DIFFRACTION' ? 
s_anti_bump_dis_restr  0.060 ? ? ? 'X-RAY DIFFRACTION' ? 
s_rigid_bond_adp_cmpnt 0.008 ? ? ? 'X-RAY DIFFRACTION' ? 
s_similar_adp_cmpnt    0.024 ? ? ? 'X-RAY DIFFRACTION' ? 
s_approx_iso_adps      0.112 ? ? ? 'X-RAY DIFFRACTION' ? 
# 
_pdbx_refine.pdbx_refine_id                              'X-RAY DIFFRACTION' 
_pdbx_refine.entry_id                                    1HHY 
_pdbx_refine.R_factor_all_no_cutoff                      0.1217 
_pdbx_refine.R_factor_obs_no_cutoff                      0.1212 
_pdbx_refine.free_R_factor_no_cutoff                     0.1394 
_pdbx_refine.free_R_error_no_cutoff                      ? 
_pdbx_refine.free_R_val_test_set_size_perc_no_cutoff     5.0 
_pdbx_refine.free_R_val_test_set_ct_no_cutoff            1127 
_pdbx_refine.R_factor_all_4sig_cutoff                    0.1209 
_pdbx_refine.R_factor_obs_4sig_cutoff                    0.1204 
_pdbx_refine.free_R_factor_4sig_cutoff                   0.1380 
_pdbx_refine.free_R_val_test_set_size_perc_4sig_cutoff   4.9 
_pdbx_refine.free_R_val_test_set_ct_4sig_cutoff          1100 
_pdbx_refine.number_reflns_obs_4sig_cutoff               22298 
# 
_struct_ncs_oper.id             1 
_struct_ncs_oper.code           given 
_struct_ncs_oper.details        ? 
_struct_ncs_oper.matrix[1][1]   -0.95805974 
_struct_ncs_oper.matrix[1][2]   -0.27021371 
_struct_ncs_oper.matrix[1][3]   -0.09544076 
_struct_ncs_oper.matrix[2][1]   -0.27201751 
_struct_ncs_oper.matrix[2][2]   0.75270252 
_struct_ncs_oper.matrix[2][3]   0.59952843 
_struct_ncs_oper.matrix[3][1]   -0.09016354 
_struct_ncs_oper.matrix[3][2]   0.60034905 
_struct_ncs_oper.matrix[3][3]   -0.79464278 
_struct_ncs_oper.vector[1]      -0.20502 
_struct_ncs_oper.vector[2]      -0.59136 
_struct_ncs_oper.vector[3]      0.96680 
# 
_struct.entry_id                  1HHY 
_struct.title                     'Deglucobalhimycin in complex with D-Ala-D-Ala' 
_struct.pdbx_model_details        ? 
_struct.pdbx_CASP_flag            ? 
_struct.pdbx_model_type_details   ? 
# 
_struct_keywords.entry_id        1HHY 
_struct_keywords.pdbx_keywords   ANTIBIOTIC 
_struct_keywords.text            'ANTIBIOTIC, GLYCOPEPTIDE, CELL WALL PEPTIDE' 
# 
loop_
_struct_asym.id 
_struct_asym.pdbx_blank_PDB_chainid_flag 
_struct_asym.pdbx_modified 
_struct_asym.entity_id 
_struct_asym.details 
A N N 1 ? 
B N N 1 ? 
C N N 2 ? 
D N N 3 ? 
E N N 3 ? 
F N N 4 ? 
G N N 2 ? 
H N N 3 ? 
I N N 3 ? 
J N N 5 ? 
K N N 4 ? 
L N N 6 ? 
M N N 6 ? 
# 
_struct_ref.id                         1 
_struct_ref.db_name                    NOR 
_struct_ref.db_code                    NOR00707 
_struct_ref.entity_id                  1 
_struct_ref.pdbx_seq_one_letter_code   ? 
_struct_ref.pdbx_align_begin           ? 
_struct_ref.pdbx_db_accession          NOR00707 
_struct_ref.pdbx_db_isoform            ? 
# 
loop_
_struct_ref_seq.align_id 
_struct_ref_seq.ref_id 
_struct_ref_seq.pdbx_PDB_id_code 
_struct_ref_seq.pdbx_strand_id 
_struct_ref_seq.seq_align_beg 
_struct_ref_seq.pdbx_seq_align_beg_ins_code 
_struct_ref_seq.seq_align_end 
_struct_ref_seq.pdbx_seq_align_end_ins_code 
_struct_ref_seq.pdbx_db_accession 
_struct_ref_seq.db_align_beg 
_struct_ref_seq.pdbx_db_align_beg_ins_code 
_struct_ref_seq.db_align_end 
_struct_ref_seq.pdbx_db_align_end_ins_code 
_struct_ref_seq.pdbx_auth_seq_align_beg 
_struct_ref_seq.pdbx_auth_seq_align_end 
1 1 1HHY A 1 ? 7 ? NOR00707 1 ? 7 ? 1 7 
2 1 1HHY B 1 ? 7 ? NOR00707 1 ? 7 ? 1 7 
# 
loop_
_pdbx_struct_assembly.id 
_pdbx_struct_assembly.details 
_pdbx_struct_assembly.method_details 
_pdbx_struct_assembly.oligomeric_details 
_pdbx_struct_assembly.oligomeric_count 
1 software_defined_assembly 'PISA 1.18' dimeric     2  
2 software_defined_assembly PISA        dimeric     2  
3 software_defined_assembly PISA        dodecameric 12 
# 
loop_
_pdbx_struct_assembly_prop.biol_id 
_pdbx_struct_assembly_prop.type 
_pdbx_struct_assembly_prop.value 
_pdbx_struct_assembly_prop.details 
1 'ABSA (A^2)' 600    ? 
1 MORE         -10.4  ? 
1 'SSA (A^2)'  2090   ? 
2 'ABSA (A^2)' 880    ? 
2 MORE         -31.8  ? 
2 'SSA (A^2)'  1920   ? 
3 'ABSA (A^2)' 11060  ? 
3 MORE         -232.8 ? 
3 'SSA (A^2)'  6560   ? 
# 
loop_
_pdbx_struct_assembly_gen.assembly_id 
_pdbx_struct_assembly_gen.oper_expression 
_pdbx_struct_assembly_gen.asym_id_list 
1 1           A,B,C,D,E,F,G,H,I,J,K,L,M 
2 1,2         A,C,D,E,F,L               
3 1,2,3,4,5,6 A,B,C,D,E,F,G,H,I,J,K,L,M 
# 
loop_
_pdbx_struct_oper_list.id 
_pdbx_struct_oper_list.type 
_pdbx_struct_oper_list.name 
_pdbx_struct_oper_list.symmetry_operation 
_pdbx_struct_oper_list.matrix[1][1] 
_pdbx_struct_oper_list.matrix[1][2] 
_pdbx_struct_oper_list.matrix[1][3] 
_pdbx_struct_oper_list.vector[1] 
_pdbx_struct_oper_list.matrix[2][1] 
_pdbx_struct_oper_list.matrix[2][2] 
_pdbx_struct_oper_list.matrix[2][3] 
_pdbx_struct_oper_list.vector[2] 
_pdbx_struct_oper_list.matrix[3][1] 
_pdbx_struct_oper_list.matrix[3][2] 
_pdbx_struct_oper_list.matrix[3][3] 
_pdbx_struct_oper_list.vector[3] 
1 'identity operation'         1_555  x,y,z            1.0000000000  0.0000000000  0.0000000000  0.0000000000   0.0000000000  1.0000000000  0.0000000000  0.0000000000  0.0000000000  0.0000000000  1.0000000000  0.0000000000  
2 'crystal symmetry operation' 10_666 -y+1,-x+1,-z+3/2 -0.6989383252 -0.5910504468 -0.4026718105 11.3179563907  -0.5910504468 0.1603623438  0.7905335464  10.5484124876 -0.4026718105 0.7905335464  -0.4614240187 -7.0212041995 
3 'crystal symmetry operation' 3_565  -x+y,-x+1,z      0.0784888550  0.1874160831  -0.9791397814 0.8618650884   0.9901828809  0.0992938793  0.0983798149  8.9930797904  0.1156605468  -0.9772491685 -0.1777827342 13.4194311533 
4 'crystal symmetry operation' 11_556 -x+y,y,-z+3/2    0.2286407600  -0.7903792342 0.5683520643  10.6018810227  -0.7903792342 -0.4915524910 -0.3656184004 20.5565744813 0.5683520643  -0.3656184004 -0.7370882690 5.6682937260  
5 'crystal symmetry operation' 2_665  -y+1,x-y+1,z     0.0784888550  0.9901828809  0.1156605468  -10.5245392038 0.1874160831  0.0992938793  -0.9772491685 12.0596427789 -0.9791397814 0.0983798149  -0.1777827342 2.3448920313  
6 'crystal symmetry operation' 12_566 x,x-y+1,-z+3/2   -0.6866801448 0.2038307170  0.6977989808  -0.0034246175  0.2038307170  -0.8673976114 0.4539542076  22.0896685962 0.6977989808  0.4539542076  0.5540777561  -6.4509695667 
# 
_struct_biol.id   1 
# 
loop_
_struct_conn.id 
_struct_conn.conn_type_id 
_struct_conn.pdbx_leaving_atom_flag 
_struct_conn.pdbx_PDB_id 
_struct_conn.ptnr1_label_asym_id 
_struct_conn.ptnr1_label_comp_id 
_struct_conn.ptnr1_label_seq_id 
_struct_conn.ptnr1_label_atom_id 
_struct_conn.pdbx_ptnr1_label_alt_id 
_struct_conn.pdbx_ptnr1_PDB_ins_code 
_struct_conn.pdbx_ptnr1_standard_comp_id 
_struct_conn.ptnr1_symmetry 
_struct_conn.ptnr2_label_asym_id 
_struct_conn.ptnr2_label_comp_id 
_struct_conn.ptnr2_label_seq_id 
_struct_conn.ptnr2_label_atom_id 
_struct_conn.pdbx_ptnr2_label_alt_id 
_struct_conn.pdbx_ptnr2_PDB_ins_code 
_struct_conn.ptnr1_auth_asym_id 
_struct_conn.ptnr1_auth_comp_id 
_struct_conn.ptnr1_auth_seq_id 
_struct_conn.ptnr2_auth_asym_id 
_struct_conn.ptnr2_auth_comp_id 
_struct_conn.ptnr2_auth_seq_id 
_struct_conn.ptnr2_symmetry 
_struct_conn.pdbx_ptnr3_label_atom_id 
_struct_conn.pdbx_ptnr3_label_seq_id 
_struct_conn.pdbx_ptnr3_label_comp_id 
_struct_conn.pdbx_ptnr3_label_asym_id 
_struct_conn.pdbx_ptnr3_label_alt_id 
_struct_conn.pdbx_ptnr3_PDB_ins_code 
_struct_conn.details 
_struct_conn.pdbx_dist_value 
_struct_conn.pdbx_value_order 
_struct_conn.pdbx_role 
covale1  covale both ? A MLU 1 C   A ? ? 1_555 A OMZ 2 N   A ? A MLU 1    A OMZ 2    1_555  ? ? ? ? ? ? ? 1.410 ? ? 
covale2  covale both ? A MLU 1 C   B ? ? 1_555 A OMZ 2 N   B ? A MLU 1    A OMZ 2    1_555  ? ? ? ? ? ? ? 1.449 ? ? 
covale3  covale both ? A OMZ 2 C   ? ? ? 1_555 A ASN 3 N   ? ? A OMZ 2    A ASN 3    1_555  ? ? ? ? ? ? ? 1.237 ? ? 
covale4  covale none ? A OMZ 2 OH  ? ? ? 1_555 A GHP 4 C3  ? ? A OMZ 2    A GHP 4    1_555  ? ? ? ? ? ? ? 1.395 ? ? 
covale5  covale both ? A ASN 3 C   ? ? ? 1_555 A GHP 4 N   ? ? A ASN 3    A GHP 4    1_555  ? ? ? ? ? ? ? 1.320 ? ? 
covale6  covale both ? A GHP 4 C   ? ? ? 1_555 A GHP 5 N   ? ? A GHP 4    A GHP 5    1_555  ? ? ? ? ? ? ? 1.349 ? ? 
covale7  covale none ? A GHP 4 C5  ? ? ? 1_555 A OMY 6 OCZ ? ? A GHP 4    A OMY 6    1_555  ? ? ? ? ? ? ? 1.390 ? ? 
covale8  covale both ? A GHP 5 C   ? ? ? 1_555 A OMY 6 N   ? ? A GHP 5    A OMY 6    1_555  ? ? ? ? ? ? ? 1.306 ? ? 
covale9  covale one  ? A GHP 5 C5  ? ? ? 1_555 A 3FG 7 CG1 ? ? A GHP 5    A 3FG 7    1_555  ? ? ? ? ? ? ? 1.472 ? ? 
covale10 covale both ? A OMY 6 C   ? ? ? 1_555 A 3FG 7 N   ? ? A OMY 6    A 3FG 7    1_555  ? ? ? ? ? ? ? 1.336 ? ? 
covale11 covale one  ? A OMY 6 ODE ? ? ? 1_555 C DVC . C1  ? ? A OMY 6    A DVC 9    1_555  ? ? ? ? ? ? ? 1.411 ? ? 
covale12 covale both ? D DAL . C   ? ? ? 1_555 E DAL . N   ? ? A DAL 11   A DAL 12   1_555  ? ? ? ? ? ? ? 1.356 ? ? 
covale13 covale both ? B MLU 1 C   ? ? ? 1_555 B OMZ 2 N   ? ? B MLU 1    B OMZ 2    1_555  ? ? ? ? ? ? ? 1.358 ? ? 
covale14 covale both ? B OMZ 2 C   ? ? ? 1_555 B ASN 3 N   ? ? B OMZ 2    B ASN 3    1_555  ? ? ? ? ? ? ? 1.319 ? ? 
covale15 covale none ? B OMZ 2 OH  ? ? ? 1_555 B GHP 4 C3  ? ? B OMZ 2    B GHP 4    1_555  ? ? ? ? ? ? ? 1.390 ? ? 
covale16 covale both ? B ASN 3 C   ? ? ? 1_555 B GHP 4 N   ? ? B ASN 3    B GHP 4    1_555  ? ? ? ? ? ? ? 1.330 ? ? 
covale17 covale both ? B GHP 4 C   ? ? ? 1_555 B GHP 5 N   ? ? B GHP 4    B GHP 5    1_555  ? ? ? ? ? ? ? 1.336 ? ? 
covale18 covale none ? B GHP 4 C5  ? ? ? 1_555 B OMY 6 OCZ ? ? B GHP 4    B OMY 6    1_555  ? ? ? ? ? ? ? 1.385 ? ? 
covale19 covale both ? B GHP 5 C   ? ? ? 1_555 B OMY 6 N   ? ? B GHP 5    B OMY 6    1_555  ? ? ? ? ? ? ? 1.325 ? ? 
covale20 covale one  ? B GHP 5 C5  ? ? ? 1_555 B 3FG 7 CG1 ? ? B GHP 5    B 3FG 7    1_555  ? ? ? ? ? ? ? 1.468 ? ? 
covale21 covale both ? B OMY 6 C   ? ? ? 1_555 B 3FG 7 N   ? ? B OMY 6    B 3FG 7    1_555  ? ? ? ? ? ? ? 1.350 ? ? 
covale22 covale one  ? B OMY 6 ODE ? ? ? 1_555 G DVC . C1  ? ? B OMY 6    B DVC 9    1_555  ? ? ? ? ? ? ? 1.400 ? ? 
covale23 covale both ? H DAL . C   ? ? ? 1_555 I DAL . N   ? ? B DAL 11   B DAL 12   1_555  ? ? ? ? ? ? ? 1.301 ? ? 
metalc1  metalc ?    ? A MLU 1 N   A ? ? 1_555 F NA  . NA  ? ? A MLU 1    A NA  1001 1_555  ? ? ? ? ? ? ? 3.127 ? ? 
metalc2  metalc ?    ? F NA  . NA  ? ? ? 1_555 L HOH . O   ? ? A NA  1001 A HOH 2002 1_555  ? ? ? ? ? ? ? 3.170 ? ? 
metalc3  metalc ?    ? F NA  . NA  ? ? ? 1_555 L HOH . O   ? ? A NA  1001 A HOH 2022 10_666 ? ? ? ? ? ? ? 3.105 ? ? 
metalc4  metalc ?    ? F NA  . NA  ? ? ? 1_555 L HOH . O   ? ? A NA  1001 A HOH 2023 1_555  ? ? ? ? ? ? ? 3.179 ? ? 
metalc5  metalc ?    ? J PGO . O2  ? ? ? 3_565 K NA  . NA  ? ? B PGO 1001 B NA  1002 1_555  ? ? ? ? ? ? ? 2.384 ? ? 
metalc6  metalc ?    ? J PGO . O1  ? ? ? 1_555 K NA  . NA  ? ? B PGO 1001 B NA  1002 1_555  ? ? ? ? ? ? ? 2.466 ? ? 
metalc7  metalc ?    ? J PGO . O1  ? ? ? 2_665 K NA  . NA  ? ? B PGO 1001 B NA  1002 1_555  ? ? ? ? ? ? ? 2.466 ? ? 
metalc8  metalc ?    ? J PGO . O2  ? ? ? 1_555 K NA  . NA  ? ? B PGO 1001 B NA  1002 1_555  ? ? ? ? ? ? ? 2.384 ? ? 
metalc9  metalc ?    ? J PGO . O2  ? ? ? 2_665 K NA  . NA  ? ? B PGO 1001 B NA  1002 1_555  ? ? ? ? ? ? ? 2.384 ? ? 
metalc10 metalc ?    ? J PGO . O1  ? ? ? 3_565 K NA  . NA  ? ? B PGO 1001 B NA  1002 1_555  ? ? ? ? ? ? ? 2.466 ? ? 
# 
loop_
_struct_conn_type.id 
_struct_conn_type.criteria 
_struct_conn_type.reference 
covale ? ? 
metalc ? ? 
# 
loop_
_pdbx_struct_conn_angle.id 
_pdbx_struct_conn_angle.ptnr1_label_atom_id 
_pdbx_struct_conn_angle.ptnr1_label_alt_id 
_pdbx_struct_conn_angle.ptnr1_label_asym_id 
_pdbx_struct_conn_angle.ptnr1_label_comp_id 
_pdbx_struct_conn_angle.ptnr1_label_seq_id 
_pdbx_struct_conn_angle.ptnr1_auth_atom_id 
_pdbx_struct_conn_angle.ptnr1_auth_asym_id 
_pdbx_struct_conn_angle.ptnr1_auth_comp_id 
_pdbx_struct_conn_angle.ptnr1_auth_seq_id 
_pdbx_struct_conn_angle.ptnr1_PDB_ins_code 
_pdbx_struct_conn_angle.ptnr1_symmetry 
_pdbx_struct_conn_angle.ptnr2_label_atom_id 
_pdbx_struct_conn_angle.ptnr2_label_alt_id 
_pdbx_struct_conn_angle.ptnr2_label_asym_id 
_pdbx_struct_conn_angle.ptnr2_label_comp_id 
_pdbx_struct_conn_angle.ptnr2_label_seq_id 
_pdbx_struct_conn_angle.ptnr2_auth_atom_id 
_pdbx_struct_conn_angle.ptnr2_auth_asym_id 
_pdbx_struct_conn_angle.ptnr2_auth_comp_id 
_pdbx_struct_conn_angle.ptnr2_auth_seq_id 
_pdbx_struct_conn_angle.ptnr2_PDB_ins_code 
_pdbx_struct_conn_angle.ptnr2_symmetry 
_pdbx_struct_conn_angle.ptnr3_label_atom_id 
_pdbx_struct_conn_angle.ptnr3_label_alt_id 
_pdbx_struct_conn_angle.ptnr3_label_asym_id 
_pdbx_struct_conn_angle.ptnr3_label_comp_id 
_pdbx_struct_conn_angle.ptnr3_label_seq_id 
_pdbx_struct_conn_angle.ptnr3_auth_atom_id 
_pdbx_struct_conn_angle.ptnr3_auth_asym_id 
_pdbx_struct_conn_angle.ptnr3_auth_comp_id 
_pdbx_struct_conn_angle.ptnr3_auth_seq_id 
_pdbx_struct_conn_angle.ptnr3_PDB_ins_code 
_pdbx_struct_conn_angle.ptnr3_symmetry 
_pdbx_struct_conn_angle.value 
_pdbx_struct_conn_angle.value_esd 
1  N  A A MLU 1 ? A MLU 1    ? 1_555  NA ? F NA . ? A NA 1001 ? 1_555 O  ? L HOH . ? A HOH 2002 ? 1_555  27.2  ? 
2  N  A A MLU 1 ? A MLU 1    ? 1_555  NA ? F NA . ? A NA 1001 ? 1_555 O  ? L HOH . ? A HOH 2022 ? 10_666 97.2  ? 
3  O  ? L HOH . ? A HOH 2002 ? 1_555  NA ? F NA . ? A NA 1001 ? 1_555 O  ? L HOH . ? A HOH 2022 ? 10_666 112.3 ? 
4  N  A A MLU 1 ? A MLU 1    ? 1_555  NA ? F NA . ? A NA 1001 ? 1_555 O  ? L HOH . ? A HOH 2023 ? 1_555  77.1  ? 
5  O  ? L HOH . ? A HOH 2002 ? 1_555  NA ? F NA . ? A NA 1001 ? 1_555 O  ? L HOH . ? A HOH 2023 ? 1_555  95.5  ? 
6  O  ? L HOH . ? A HOH 2022 ? 10_666 NA ? F NA . ? A NA 1001 ? 1_555 O  ? L HOH . ? A HOH 2023 ? 1_555  103.7 ? 
7  O2 ? J PGO . ? B PGO 1001 ? 3_565  NA ? K NA . ? B NA 1002 ? 1_555 O1 ? J PGO . ? B PGO 1001 ? 1_555  98.1  ? 
8  O2 ? J PGO . ? B PGO 1001 ? 3_565  NA ? K NA . ? B NA 1002 ? 1_555 O1 ? J PGO . ? B PGO 1001 ? 2_665  159.5 ? 
9  O1 ? J PGO . ? B PGO 1001 ? 1_555  NA ? K NA . ? B NA 1002 ? 1_555 O1 ? J PGO . ? B PGO 1001 ? 2_665  92.0  ? 
10 O2 ? J PGO . ? B PGO 1001 ? 3_565  NA ? K NA . ? B NA 1002 ? 1_555 O2 ? J PGO . ? B PGO 1001 ? 1_555  102.2 ? 
11 O1 ? J PGO . ? B PGO 1001 ? 1_555  NA ? K NA . ? B NA 1002 ? 1_555 O2 ? J PGO . ? B PGO 1001 ? 1_555  69.9  ? 
12 O1 ? J PGO . ? B PGO 1001 ? 2_665  NA ? K NA . ? B NA 1002 ? 1_555 O2 ? J PGO . ? B PGO 1001 ? 1_555  98.1  ? 
13 O2 ? J PGO . ? B PGO 1001 ? 3_565  NA ? K NA . ? B NA 1002 ? 1_555 O2 ? J PGO . ? B PGO 1001 ? 2_665  102.2 ? 
14 O1 ? J PGO . ? B PGO 1001 ? 1_555  NA ? K NA . ? B NA 1002 ? 1_555 O2 ? J PGO . ? B PGO 1001 ? 2_665  159.5 ? 
15 O1 ? J PGO . ? B PGO 1001 ? 2_665  NA ? K NA . ? B NA 1002 ? 1_555 O2 ? J PGO . ? B PGO 1001 ? 2_665  69.9  ? 
16 O2 ? J PGO . ? B PGO 1001 ? 1_555  NA ? K NA . ? B NA 1002 ? 1_555 O2 ? J PGO . ? B PGO 1001 ? 2_665  102.2 ? 
17 O2 ? J PGO . ? B PGO 1001 ? 3_565  NA ? K NA . ? B NA 1002 ? 1_555 O1 ? J PGO . ? B PGO 1001 ? 3_565  69.9  ? 
18 O1 ? J PGO . ? B PGO 1001 ? 1_555  NA ? K NA . ? B NA 1002 ? 1_555 O1 ? J PGO . ? B PGO 1001 ? 3_565  92.0  ? 
19 O1 ? J PGO . ? B PGO 1001 ? 2_665  NA ? K NA . ? B NA 1002 ? 1_555 O1 ? J PGO . ? B PGO 1001 ? 3_565  92.0  ? 
20 O2 ? J PGO . ? B PGO 1001 ? 1_555  NA ? K NA . ? B NA 1002 ? 1_555 O1 ? J PGO . ? B PGO 1001 ? 3_565  159.5 ? 
21 O2 ? J PGO . ? B PGO 1001 ? 2_665  NA ? K NA . ? B NA 1002 ? 1_555 O1 ? J PGO . ? B PGO 1001 ? 3_565  98.1  ? 
# 
loop_
_pdbx_modification_feature.ordinal 
_pdbx_modification_feature.label_comp_id 
_pdbx_modification_feature.label_asym_id 
_pdbx_modification_feature.label_seq_id 
_pdbx_modification_feature.label_alt_id 
_pdbx_modification_feature.modified_residue_label_comp_id 
_pdbx_modification_feature.modified_residue_label_asym_id 
_pdbx_modification_feature.modified_residue_label_seq_id 
_pdbx_modification_feature.modified_residue_label_alt_id 
_pdbx_modification_feature.auth_comp_id 
_pdbx_modification_feature.auth_asym_id 
_pdbx_modification_feature.auth_seq_id 
_pdbx_modification_feature.PDB_ins_code 
_pdbx_modification_feature.symmetry 
_pdbx_modification_feature.modified_residue_auth_comp_id 
_pdbx_modification_feature.modified_residue_auth_asym_id 
_pdbx_modification_feature.modified_residue_auth_seq_id 
_pdbx_modification_feature.modified_residue_PDB_ins_code 
_pdbx_modification_feature.modified_residue_symmetry 
_pdbx_modification_feature.comp_id_linking_atom 
_pdbx_modification_feature.modified_residue_id_linking_atom 
_pdbx_modification_feature.modified_residue_id 
_pdbx_modification_feature.ref_pcm_id 
_pdbx_modification_feature.ref_comp_id 
_pdbx_modification_feature.type 
_pdbx_modification_feature.category 
1  MLU A 1 A .   . . . MLU A 1 ? 1_555 .   . . . .     .  .   DLE 1 MLU Methylation   'Named protein modification' 
2  MLU A 1 B .   . . . MLU A 1 ? 1_555 .   . . . .     .  .   DLE 1 MLU Methylation   'Named protein modification' 
3  OMZ A 2 ? .   . . . OMZ A 2 ? 1_555 .   . . . .     .  .   DTY 1 OMZ Chlorination  'Named protein modification' 
4  OMZ A 2 ? .   . . . OMZ A 2 ? 1_555 .   . . . .     .  .   DTY 2 OMZ Hydroxylation 'Named protein modification' 
5  OMZ A 2 A .   . . . OMZ A 2 ? 1_555 .   . . . .     .  .   DTY 1 OMZ Chlorination  'Named protein modification' 
6  OMZ A 2 A .   . . . OMZ A 2 ? 1_555 .   . . . .     .  .   DTY 2 OMZ Hydroxylation 'Named protein modification' 
7  OMZ A 2 B .   . . . OMZ A 2 ? 1_555 .   . . . .     .  .   DTY 1 OMZ Chlorination  'Named protein modification' 
8  OMZ A 2 B .   . . . OMZ A 2 ? 1_555 .   . . . .     .  .   DTY 2 OMZ Hydroxylation 'Named protein modification' 
9  OMY A 6 ? .   . . . OMY A 6 ? 1_555 .   . . . .     .  .   TYR 1 OMY Hydroxylation 'Named protein modification' 
10 OMY A 6 ? .   . . . OMY A 6 ? 1_555 .   . . . .     .  .   TYR 2 OMY Chlorination  'Named protein modification' 
11 MLU B 1 ? .   . . . MLU B 1 ? 1_555 .   . . . .     .  .   DLE 1 MLU Methylation   'Named protein modification' 
12 OMZ B 2 ? .   . . . OMZ B 2 ? 1_555 .   . . . .     .  .   DTY 1 OMZ Chlorination  'Named protein modification' 
13 OMZ B 2 ? .   . . . OMZ B 2 ? 1_555 .   . . . .     .  .   DTY 2 OMZ Hydroxylation 'Named protein modification' 
14 OMY B 6 ? .   . . . OMY B 6 ? 1_555 .   . . . .     .  .   TYR 1 OMY Hydroxylation 'Named protein modification' 
15 OMY B 6 ? .   . . . OMY B 6 ? 1_555 .   . . . .     .  .   TYR 2 OMY Chlorination  'Named protein modification' 
16 GHP A 4 ? .   . . . GHP A 4 ? 1_555 .   . . . .     .  .   ?   1 GHP None          'Non-standard residue'       
17 GHP A 5 ? .   . . . GHP A 5 ? 1_555 .   . . . .     .  .   ?   1 GHP None          'Non-standard residue'       
18 3FG A 7 ? .   . . . 3FG A 7 ? 1_555 .   . . . .     .  .   ?   1 3FG None          'Non-standard residue'       
19 GHP B 4 ? .   . . . GHP B 4 ? 1_555 .   . . . .     .  .   ?   1 GHP None          'Non-standard residue'       
20 GHP B 5 ? .   . . . GHP B 5 ? 1_555 .   . . . .     .  .   ?   1 GHP None          'Non-standard residue'       
21 3FG B 7 ? .   . . . 3FG B 7 ? 1_555 .   . . . .     .  .   ?   1 3FG None          'Non-standard residue'       
22 DVC C . ? OMY A 6 ? DVC A 9 ? 1_555 OMY A 6 ? 1_555 C1 ODE OMY 1 DVC None          Carbohydrate                 
23 DVC G . ? OMY B 6 ? DVC B 9 ? 1_555 OMY B 6 ? 1_555 C1 ODE OMY 1 DVC None          Carbohydrate                 
24 OMZ A 2 ? GHP A 4 ? OMZ A 2 ? 1_555 GHP A 4 ? 1_555 OH C3  .   . .   None          'Non-standard linkage'       
25 GHP A 4 ? OMY A 6 ? GHP A 4 ? 1_555 OMY A 6 ? 1_555 C5 OCZ .   . .   None          'Non-standard linkage'       
26 GHP A 5 ? 3FG A 7 ? GHP A 5 ? 1_555 3FG A 7 ? 1_555 C5 CG1 .   . .   None          'Non-standard linkage'       
27 OMZ B 2 ? GHP B 4 ? OMZ B 2 ? 1_555 GHP B 4 ? 1_555 OH C3  .   . .   None          'Non-standard linkage'       
28 GHP B 4 ? OMY B 6 ? GHP B 4 ? 1_555 OMY B 6 ? 1_555 C5 OCZ .   . .   None          'Non-standard linkage'       
29 GHP B 5 ? 3FG B 7 ? GHP B 5 ? 1_555 3FG B 7 ? 1_555 C5 CG1 .   . .   None          'Non-standard linkage'       
# 
loop_
_struct_mon_prot_cis.pdbx_id 
_struct_mon_prot_cis.label_comp_id 
_struct_mon_prot_cis.label_seq_id 
_struct_mon_prot_cis.label_asym_id 
_struct_mon_prot_cis.label_alt_id 
_struct_mon_prot_cis.pdbx_PDB_ins_code 
_struct_mon_prot_cis.auth_comp_id 
_struct_mon_prot_cis.auth_seq_id 
_struct_mon_prot_cis.auth_asym_id 
_struct_mon_prot_cis.pdbx_label_comp_id_2 
_struct_mon_prot_cis.pdbx_label_seq_id_2 
_struct_mon_prot_cis.pdbx_label_asym_id_2 
_struct_mon_prot_cis.pdbx_PDB_ins_code_2 
_struct_mon_prot_cis.pdbx_auth_comp_id_2 
_struct_mon_prot_cis.pdbx_auth_seq_id_2 
_struct_mon_prot_cis.pdbx_auth_asym_id_2 
_struct_mon_prot_cis.pdbx_PDB_model_num 
_struct_mon_prot_cis.pdbx_omega_angle 
1 GHP 5 A . ? GHP 5 A OMY 6 A ? OMY 6 A 1 -1.10 
2 GHP 5 B . ? GHP 5 B OMY 6 B ? OMY 6 B 1 2.90  
# 
_pdbx_entry_details.entry_id                   1HHY 
_pdbx_entry_details.compound_details           
;BALHIMYCIN IS A TRICYCLIC GLYCOPEPTIDE. THE SCAFFOLD IS
A HEPTAPEPTIDE WITH THE CONFIGURATION D-D-L-D-D-L-L. IT IS
FURTHER GLYCOSYLATED BY TWO MONOSACCHARIDES: A D-GLUCOSE
AND A 4-OXO-VANCOSAMINE.
HERE, DEGLUCOBALHIMYCIN IS REPRESENTED GROUPING TOGETHER THE
SEQUENCE (SEQRES) AND ONE LIGAND (HET) DVC.

 GROUP: 1
  NAME: DEGLUCOBALHIMYCIN
  CHAIN: A, B
  COMPONENT_1: PEPTIDE LIKE SEQUENCE RESIDUES 1 TO 7
  COMPONENT_2: SUGAR RESIDUES 9
  DESCRIPTION: DEGLUCOBALHIMYCIN LACKS THE D-GLUCOSE
               COMPONENT OF BALHIMYCIN CONSISTING OF THE
               TRICYCLIC HEPTAPEPTIDE AND 4-OXO-VANCOSAMINE
               ONLY LINKED TO RESIDUE 6.
;
_pdbx_entry_details.source_details             ? 
_pdbx_entry_details.nonpolymer_details         ? 
_pdbx_entry_details.sequence_details           ? 
_pdbx_entry_details.has_ligand_of_interest     ? 
_pdbx_entry_details.has_protein_modification   Y 
# 
loop_
_pdbx_validate_rmsd_angle.id 
_pdbx_validate_rmsd_angle.PDB_model_num 
_pdbx_validate_rmsd_angle.auth_atom_id_1 
_pdbx_validate_rmsd_angle.auth_asym_id_1 
_pdbx_validate_rmsd_angle.auth_comp_id_1 
_pdbx_validate_rmsd_angle.auth_seq_id_1 
_pdbx_validate_rmsd_angle.PDB_ins_code_1 
_pdbx_validate_rmsd_angle.label_alt_id_1 
_pdbx_validate_rmsd_angle.auth_atom_id_2 
_pdbx_validate_rmsd_angle.auth_asym_id_2 
_pdbx_validate_rmsd_angle.auth_comp_id_2 
_pdbx_validate_rmsd_angle.auth_seq_id_2 
_pdbx_validate_rmsd_angle.PDB_ins_code_2 
_pdbx_validate_rmsd_angle.label_alt_id_2 
_pdbx_validate_rmsd_angle.auth_atom_id_3 
_pdbx_validate_rmsd_angle.auth_asym_id_3 
_pdbx_validate_rmsd_angle.auth_comp_id_3 
_pdbx_validate_rmsd_angle.auth_seq_id_3 
_pdbx_validate_rmsd_angle.PDB_ins_code_3 
_pdbx_validate_rmsd_angle.label_alt_id_3 
_pdbx_validate_rmsd_angle.angle_value 
_pdbx_validate_rmsd_angle.angle_target_value 
_pdbx_validate_rmsd_angle.angle_deviation 
_pdbx_validate_rmsd_angle.angle_standard_deviation 
_pdbx_validate_rmsd_angle.linker_flag 
1 1 CA A MLU 1 ? B C A MLU 1 ? B N  A OMZ 2 ? B 100.54 117.20 -16.66 2.20 Y 
2 1 O  A MLU 1 ? B C A MLU 1 ? B N  A OMZ 2 ? B 138.25 122.70 15.55  1.60 Y 
3 1 C  A MLU 1 ? B N A OMZ 2 ? B CA A OMZ 2 ? ? 97.44  121.70 -24.26 2.50 Y 
# 
_pdbx_molecule_features.prd_id    PRD_000485 
_pdbx_molecule_features.name      Deglucobalhimycin 
_pdbx_molecule_features.type      Glycopeptide 
_pdbx_molecule_features.class     'Antibiotic, Antimicrobial' 
_pdbx_molecule_features.details   
;DEGLUCOBALHIMYCIN LACKS THE D-GLUCOSE                 
 COMPONENT OF BALHIMYCIN CONSISTING OF THE             
 TRICYCLIC HEPTAPEPTIDE AND (2R,4S,6S)-4-AZANYL-4,6-DIMETHYL-OXANE-2,5,5-TRIOL
 ONLY LINKED TO RESIDUE 6.
;
# 
loop_
_pdbx_molecule.instance_id 
_pdbx_molecule.prd_id 
_pdbx_molecule.asym_id 
1 PRD_000485 A 
1 PRD_000485 C 
2 PRD_000485 B 
2 PRD_000485 G 
# 
loop_
_pdbx_struct_mod_residue.id 
_pdbx_struct_mod_residue.label_asym_id 
_pdbx_struct_mod_residue.label_comp_id 
_pdbx_struct_mod_residue.label_seq_id 
_pdbx_struct_mod_residue.auth_asym_id 
_pdbx_struct_mod_residue.auth_comp_id 
_pdbx_struct_mod_residue.auth_seq_id 
_pdbx_struct_mod_residue.PDB_ins_code 
_pdbx_struct_mod_residue.parent_comp_id 
_pdbx_struct_mod_residue.details 
1 A OMY 6 A OMY 6 ? TYR ? 
2 B OMY 6 B OMY 6 ? TYR ? 
# 
loop_
_pdbx_struct_special_symmetry.id 
_pdbx_struct_special_symmetry.PDB_model_num 
_pdbx_struct_special_symmetry.auth_asym_id 
_pdbx_struct_special_symmetry.auth_comp_id 
_pdbx_struct_special_symmetry.auth_seq_id 
_pdbx_struct_special_symmetry.PDB_ins_code 
_pdbx_struct_special_symmetry.label_asym_id 
_pdbx_struct_special_symmetry.label_comp_id 
_pdbx_struct_special_symmetry.label_seq_id 
1 1 B NA  1002 ? K NA  . 
2 1 A HOH 2005 ? L HOH . 
3 1 B HOH 2010 ? M HOH . 
# 
loop_
_chem_comp_atom.comp_id 
_chem_comp_atom.atom_id 
_chem_comp_atom.type_symbol 
_chem_comp_atom.pdbx_aromatic_flag 
_chem_comp_atom.pdbx_stereo_config 
_chem_comp_atom.pdbx_ordinal 
3FG N    N  N N 1   
3FG OD1  O  N N 2   
3FG CD1  C  Y N 3   
3FG CG1  C  Y N 4   
3FG CZ   C  Y N 5   
3FG CD2  C  Y N 6   
3FG OD2  O  N N 7   
3FG CG2  C  Y N 8   
3FG CB   C  Y N 9   
3FG CA   C  N S 10  
3FG C    C  N N 11  
3FG O    O  N N 12  
3FG OXT  O  N N 13  
3FG H    H  N N 14  
3FG H2   H  N N 15  
3FG HA   H  N N 16  
3FG HD1  H  N N 17  
3FG HG1  H  N N 18  
3FG HZ   H  N N 19  
3FG HD2  H  N N 20  
3FG HG2  H  N N 21  
3FG HXT  H  N N 22  
ASN N    N  N N 23  
ASN CA   C  N S 24  
ASN C    C  N N 25  
ASN O    O  N N 26  
ASN CB   C  N N 27  
ASN CG   C  N N 28  
ASN OD1  O  N N 29  
ASN ND2  N  N N 30  
ASN OXT  O  N N 31  
ASN H    H  N N 32  
ASN H2   H  N N 33  
ASN HA   H  N N 34  
ASN HB2  H  N N 35  
ASN HB3  H  N N 36  
ASN HD21 H  N N 37  
ASN HD22 H  N N 38  
ASN HXT  H  N N 39  
DAL N    N  N N 40  
DAL CA   C  N R 41  
DAL CB   C  N N 42  
DAL C    C  N N 43  
DAL O    O  N N 44  
DAL OXT  O  N N 45  
DAL H    H  N N 46  
DAL H2   H  N N 47  
DAL HA   H  N N 48  
DAL HB1  H  N N 49  
DAL HB2  H  N N 50  
DAL HB3  H  N N 51  
DAL HXT  H  N N 52  
DVC C1   C  N R 53  
DVC O1   O  N N 54  
DVC C2   C  N N 55  
DVC C3   C  N S 56  
DVC N3   N  N N 57  
DVC C4   C  N N 58  
DVC O4   O  N N 59  
DVC C5   C  N S 60  
DVC O5   O  N N 61  
DVC C6   C  N N 62  
DVC C3M  C  N N 63  
DVC O41  O  N N 64  
DVC H1   H  N N 65  
DVC HO1  H  N N 66  
DVC H2   H  N N 67  
DVC H2A  H  N N 68  
DVC HN3  H  N N 69  
DVC HN3A H  N N 70  
DVC HO4  H  N N 71  
DVC H5   H  N N 72  
DVC H6   H  N N 73  
DVC H6A  H  N N 74  
DVC H6B  H  N N 75  
DVC H3M  H  N N 76  
DVC H3MA H  N N 77  
DVC H3MB H  N N 78  
DVC HO41 H  N N 79  
GHP N    N  N N 80  
GHP CA   C  N R 81  
GHP C    C  N N 82  
GHP O    O  N N 83  
GHP OXT  O  N N 84  
GHP C1   C  Y N 85  
GHP C2   C  Y N 86  
GHP C3   C  Y N 87  
GHP C4   C  Y N 88  
GHP O4   O  N N 89  
GHP C5   C  Y N 90  
GHP C6   C  Y N 91  
GHP H    H  N N 92  
GHP H2   H  N N 93  
GHP HA   H  N N 94  
GHP HXT  H  N N 95  
GHP HC2  H  N N 96  
GHP H3   H  N N 97  
GHP HO4  H  N N 98  
GHP H5   H  N N 99  
GHP H6   H  N N 100 
HOH O    O  N N 101 
HOH H1   H  N N 102 
HOH H2   H  N N 103 
MLU N    N  N N 104 
MLU CN   C  N N 105 
MLU CA   C  N R 106 
MLU C    C  N N 107 
MLU O    O  N N 108 
MLU CB   C  N N 109 
MLU CG   C  N N 110 
MLU CD1  C  N N 111 
MLU CD2  C  N N 112 
MLU OXT  O  N N 113 
MLU H    H  N N 114 
MLU HCN1 H  N N 115 
MLU HCN2 H  N N 116 
MLU HCN3 H  N N 117 
MLU HA   H  N N 118 
MLU HB2  H  N N 119 
MLU HB3  H  N N 120 
MLU HXT  H  N N 121 
MLU HG   H  N N 122 
MLU HD11 H  N N 123 
MLU HD12 H  N N 124 
MLU HD13 H  N N 125 
MLU HD21 H  N N 126 
MLU HD22 H  N N 127 
MLU HD23 H  N N 128 
NA  NA   NA N N 129 
OMY N    N  N N 130 
OMY CA   C  N S 131 
OMY OCZ  O  N N 132 
OMY CE2  C  Y N 133 
OMY CE1  C  Y N 134 
OMY CZ   C  Y N 135 
OMY CG   C  Y N 136 
OMY CD2  C  Y N 137 
OMY CD1  C  Y N 138 
OMY CB   C  N R 139 
OMY CL   CL N N 140 
OMY O    O  N N 141 
OMY C    C  N N 142 
OMY ODE  O  N N 143 
OMY OXT  O  N N 144 
OMY H    H  N N 145 
OMY H2   H  N N 146 
OMY HA   H  N N 147 
OMY HCZ  H  N N 148 
OMY HE2  H  N N 149 
OMY HD2  H  N N 150 
OMY HD1  H  N N 151 
OMY HB   H  N N 152 
OMY HXT  H  N N 153 
OMY HDE  H  N N 154 
OMZ N    N  N N 155 
OMZ CA   C  N R 156 
OMZ C    C  N N 157 
OMZ O    O  N N 158 
OMZ OXT  O  N N 159 
OMZ CB   C  N R 160 
OMZ OC   O  N N 161 
OMZ CG   C  Y N 162 
OMZ CD1  C  Y N 163 
OMZ CD2  C  Y N 164 
OMZ CE1  C  Y N 165 
OMZ CL   CL N N 166 
OMZ CE2  C  Y N 167 
OMZ CZ   C  Y N 168 
OMZ OH   O  N N 169 
OMZ H    H  N N 170 
OMZ H2   H  N N 171 
OMZ HA   H  N N 172 
OMZ HB   H  N N 173 
OMZ HXT  H  N N 174 
OMZ HC   H  N N 175 
OMZ HD1  H  N N 176 
OMZ HD2  H  N N 177 
OMZ HE2  H  N N 178 
OMZ HH   H  N N 179 
PGO C1   C  N N 180 
PGO C2   C  N S 181 
PGO C3   C  N N 182 
PGO O1   O  N N 183 
PGO O2   O  N N 184 
PGO H11  H  N N 185 
PGO H12  H  N N 186 
PGO H2   H  N N 187 
PGO H31  H  N N 188 
PGO H32  H  N N 189 
PGO H33  H  N N 190 
PGO HO1  H  N N 191 
PGO HO2  H  N N 192 
# 
loop_
_chem_comp_bond.comp_id 
_chem_comp_bond.atom_id_1 
_chem_comp_bond.atom_id_2 
_chem_comp_bond.value_order 
_chem_comp_bond.pdbx_aromatic_flag 
_chem_comp_bond.pdbx_stereo_config 
_chem_comp_bond.pdbx_ordinal 
3FG N   CA   sing N N 1   
3FG OD1 CD1  sing N N 2   
3FG CD1 CG1  sing Y N 3   
3FG CD1 CZ   doub Y N 4   
3FG CG1 CB   doub Y N 5   
3FG CZ  CD2  sing Y N 6   
3FG CD2 OD2  sing N N 7   
3FG CD2 CG2  doub Y N 8   
3FG CG2 CB   sing Y N 9   
3FG CB  CA   sing N N 10  
3FG CA  C    sing N N 11  
3FG C   O    doub N N 12  
3FG C   OXT  sing N N 13  
3FG N   H    sing N N 14  
3FG N   H2   sing N N 15  
3FG CA  HA   sing N N 16  
3FG OD1 HD1  sing N N 17  
3FG CG1 HG1  sing N N 18  
3FG CZ  HZ   sing N N 19  
3FG OD2 HD2  sing N N 20  
3FG CG2 HG2  sing N N 21  
3FG OXT HXT  sing N N 22  
ASN N   CA   sing N N 23  
ASN N   H    sing N N 24  
ASN N   H2   sing N N 25  
ASN CA  C    sing N N 26  
ASN CA  CB   sing N N 27  
ASN CA  HA   sing N N 28  
ASN C   O    doub N N 29  
ASN C   OXT  sing N N 30  
ASN CB  CG   sing N N 31  
ASN CB  HB2  sing N N 32  
ASN CB  HB3  sing N N 33  
ASN CG  OD1  doub N N 34  
ASN CG  ND2  sing N N 35  
ASN ND2 HD21 sing N N 36  
ASN ND2 HD22 sing N N 37  
ASN OXT HXT  sing N N 38  
DAL N   CA   sing N N 39  
DAL N   H    sing N N 40  
DAL N   H2   sing N N 41  
DAL CA  CB   sing N N 42  
DAL CA  C    sing N N 43  
DAL CA  HA   sing N N 44  
DAL CB  HB1  sing N N 45  
DAL CB  HB2  sing N N 46  
DAL CB  HB3  sing N N 47  
DAL C   O    doub N N 48  
DAL C   OXT  sing N N 49  
DAL OXT HXT  sing N N 50  
DVC O5  C1   sing N N 51  
DVC C2  C1   sing N N 52  
DVC C1  O1   sing N N 53  
DVC C1  H1   sing N N 54  
DVC O1  HO1  sing N N 55  
DVC C3  C2   sing N N 56  
DVC C2  H2   sing N N 57  
DVC C2  H2A  sing N N 58  
DVC C4  C3   sing N N 59  
DVC N3  C3   sing N N 60  
DVC C3  C3M  sing N N 61  
DVC N3  HN3  sing N N 62  
DVC N3  HN3A sing N N 63  
DVC O41 C4   sing N N 64  
DVC O4  C4   sing N N 65  
DVC C4  C5   sing N N 66  
DVC O4  HO4  sing N N 67  
DVC C6  C5   sing N N 68  
DVC C5  O5   sing N N 69  
DVC C5  H5   sing N N 70  
DVC C6  H6   sing N N 71  
DVC C6  H6A  sing N N 72  
DVC C6  H6B  sing N N 73  
DVC C3M H3M  sing N N 74  
DVC C3M H3MA sing N N 75  
DVC C3M H3MB sing N N 76  
DVC O41 HO41 sing N N 77  
GHP N   CA   sing N N 78  
GHP N   H    sing N N 79  
GHP N   H2   sing N N 80  
GHP CA  C    sing N N 81  
GHP CA  C1   sing N N 82  
GHP CA  HA   sing N N 83  
GHP C   O    doub N N 84  
GHP C   OXT  sing N N 85  
GHP OXT HXT  sing N N 86  
GHP C1  C2   doub Y N 87  
GHP C1  C6   sing Y N 88  
GHP C2  C3   sing Y N 89  
GHP C2  HC2  sing N N 90  
GHP C3  C4   doub Y N 91  
GHP C3  H3   sing N N 92  
GHP C4  O4   sing N N 93  
GHP C4  C5   sing Y N 94  
GHP O4  HO4  sing N N 95  
GHP C5  C6   doub Y N 96  
GHP C5  H5   sing N N 97  
GHP C6  H6   sing N N 98  
HOH O   H1   sing N N 99  
HOH O   H2   sing N N 100 
MLU N   CN   sing N N 101 
MLU N   CA   sing N N 102 
MLU CA  C    sing N N 103 
MLU CA  CB   sing N N 104 
MLU C   O    doub N N 105 
MLU C   OXT  sing N N 106 
MLU CB  CG   sing N N 107 
MLU CG  CD1  sing N N 108 
MLU CG  CD2  sing N N 109 
MLU N   H    sing N N 110 
MLU CN  HCN1 sing N N 111 
MLU CN  HCN2 sing N N 112 
MLU CN  HCN3 sing N N 113 
MLU CA  HA   sing N N 114 
MLU CB  HB2  sing N N 115 
MLU CB  HB3  sing N N 116 
MLU OXT HXT  sing N N 117 
MLU CG  HG   sing N N 118 
MLU CD1 HD11 sing N N 119 
MLU CD1 HD12 sing N N 120 
MLU CD1 HD13 sing N N 121 
MLU CD2 HD21 sing N N 122 
MLU CD2 HD22 sing N N 123 
MLU CD2 HD23 sing N N 124 
OMY N   CA   sing N N 125 
OMY OCZ CZ   sing N N 126 
OMY CZ  CE2  sing Y N 127 
OMY CZ  CE1  doub Y N 128 
OMY CE2 CD2  doub Y N 129 
OMY CD2 CG   sing Y N 130 
OMY CG  CD1  doub Y N 131 
OMY CG  CB   sing N N 132 
OMY CD1 CE1  sing Y N 133 
OMY CE1 CL   sing N N 134 
OMY C   O    doub N N 135 
OMY C   CA   sing N N 136 
OMY C   OXT  sing N N 137 
OMY CA  CB   sing N N 138 
OMY CB  ODE  sing N N 139 
OMY N   H    sing N N 140 
OMY N   H2   sing N N 141 
OMY CA  HA   sing N N 142 
OMY OCZ HCZ  sing N N 143 
OMY CE2 HE2  sing N N 144 
OMY CD2 HD2  sing N N 145 
OMY CD1 HD1  sing N N 146 
OMY CB  HB   sing N N 147 
OMY OXT HXT  sing N N 148 
OMY ODE HDE  sing N N 149 
OMZ N   CA   sing N N 150 
OMZ CA  C    sing N N 151 
OMZ CA  CB   sing N N 152 
OMZ C   O    doub N N 153 
OMZ C   OXT  sing N N 154 
OMZ CL  CE1  sing N N 155 
OMZ CB  OC   sing N N 156 
OMZ CB  CG   sing N N 157 
OMZ CG  CD1  doub Y N 158 
OMZ CG  CD2  sing Y N 159 
OMZ CD1 CE1  sing Y N 160 
OMZ CD2 CE2  doub Y N 161 
OMZ CE1 CZ   doub Y N 162 
OMZ CE2 CZ   sing Y N 163 
OMZ CZ  OH   sing N N 164 
OMZ N   H    sing N N 165 
OMZ N   H2   sing N N 166 
OMZ CA  HA   sing N N 167 
OMZ CB  HB   sing N N 168 
OMZ OXT HXT  sing N N 169 
OMZ OC  HC   sing N N 170 
OMZ CD1 HD1  sing N N 171 
OMZ CD2 HD2  sing N N 172 
OMZ CE2 HE2  sing N N 173 
OMZ OH  HH   sing N N 174 
PGO C1  C2   sing N N 175 
PGO C1  O1   sing N N 176 
PGO C1  H11  sing N N 177 
PGO C1  H12  sing N N 178 
PGO C2  C3   sing N N 179 
PGO C2  O2   sing N N 180 
PGO C2  H2   sing N N 181 
PGO C3  H31  sing N N 182 
PGO C3  H32  sing N N 183 
PGO C3  H33  sing N N 184 
PGO O1  HO1  sing N N 185 
PGO O2  HO2  sing N N 186 
# 
_atom_sites.entry_id                    1HHY 
_atom_sites.fract_transf_matrix[1][1]   -0.00943436 
_atom_sites.fract_transf_matrix[1][2]   -0.00613719 
_atom_sites.fract_transf_matrix[1][3]   -0.02101092 
_atom_sites.fract_transf_matrix[2][1]   -0.01868232 
_atom_sites.fract_transf_matrix[2][2]   0.01201826 
_atom_sites.fract_transf_matrix[2][3]   -0.00864218 
_atom_sites.fract_transf_matrix[3][1]   0.01441313 
_atom_sites.fract_transf_matrix[3][2]   0.01467002 
_atom_sites.fract_transf_matrix[3][3]   -0.01075685 
_atom_sites.fract_transf_vector[1]      0.456425 
_atom_sites.fract_transf_vector[2]      0.567573 
_atom_sites.fract_transf_vector[3]      0.553288 
# 
loop_
_atom_type.symbol 
C  
CL 
N  
NA 
O  
# 
loop_
_atom_site.group_PDB 
_atom_site.id 
_atom_site.type_symbol 
_atom_site.label_atom_id 
_atom_site.label_alt_id 
_atom_site.label_comp_id 
_atom_site.label_asym_id 
_atom_site.label_entity_id 
_atom_site.label_seq_id 
_atom_site.pdbx_PDB_ins_code 
_atom_site.Cartn_x 
_atom_site.Cartn_y 
_atom_site.Cartn_z 
_atom_site.occupancy 
_atom_site.B_iso_or_equiv 
_atom_site.pdbx_formal_charge 
_atom_site.auth_seq_id 
_atom_site.auth_comp_id 
_atom_site.auth_asym_id 
_atom_site.auth_atom_id 
_atom_site.pdbx_PDB_model_num 
HETATM 1   N  N   A MLU A 1 1 ? 2.885   5.937  -9.908  0.60 7.24  ? 1    MLU A N   1 
HETATM 2   N  N   B MLU A 1 1 ? 1.536   5.872  -10.903 0.40 14.28 ? 1    MLU A N   1 
HETATM 3   C  CN  A MLU A 1 1 ? 2.208   7.229  -9.468  0.60 8.84  ? 1    MLU A CN  1 
HETATM 4   C  CN  B MLU A 1 1 ? 0.647   7.085  -10.399 0.40 19.91 ? 1    MLU A CN  1 
HETATM 5   C  CA  A MLU A 1 1 ? 2.470   4.723  -9.144  0.60 6.86  ? 1    MLU A CA  1 
HETATM 6   C  CA  B MLU A 1 1 ? 1.512   4.649  -10.039 0.40 11.34 ? 1    MLU A CA  1 
HETATM 7   C  C   A MLU A 1 1 ? 0.934   4.647  -9.171  0.60 7.59  ? 1    MLU A C   1 
HETATM 8   C  C   B MLU A 1 1 ? 0.021   4.540  -9.670  0.40 9.78  ? 1    MLU A C   1 
HETATM 9   O  O   A MLU A 1 1 ? 0.414   4.515  -10.261 0.60 9.35  ? 1    MLU A O   1 
HETATM 10  O  O   B MLU A 1 1 ? -0.840  4.358  -10.540 0.40 12.86 ? 1    MLU A O   1 
HETATM 11  C  CB  A MLU A 1 1 ? 3.215   3.531  -9.689  0.60 8.08  ? 1    MLU A CB  1 
HETATM 12  C  CB  B MLU A 1 1 ? 2.039   3.424  -10.618 0.40 11.33 ? 1    MLU A CB  1 
HETATM 13  C  CG  A MLU A 1 1 ? 3.172   2.286  -8.754  0.60 8.67  ? 1    MLU A CG  1 
HETATM 14  C  CG  B MLU A 1 1 ? 1.969   2.125  -9.745  0.40 10.59 ? 1    MLU A CG  1 
HETATM 15  C  CD1 A MLU A 1 1 ? 4.334   1.382  -9.092  0.60 10.00 ? 1    MLU A CD1 1 
HETATM 16  C  CD1 B MLU A 1 1 ? 3.120   1.934  -8.768  0.40 19.39 ? 1    MLU A CD1 1 
HETATM 17  C  CD2 A MLU A 1 1 ? 1.931   1.578  -8.902  0.60 10.89 ? 1    MLU A CD2 1 
HETATM 18  C  CD2 B MLU A 1 1 ? 1.964   1.042  -10.668 0.40 16.18 ? 1    MLU A CD2 1 
HETATM 19  N  N   A OMZ A 1 2 ? 0.291   4.699  -7.917  0.60 9.01  ? 2    OMZ A N   1 
HETATM 20  N  N   B OMZ A 1 2 ? 0.101   4.598  -8.224  0.40 8.22  ? 2    OMZ A N   1 
HETATM 21  C  CA  . OMZ A 1 2 ? -1.249  4.506  -7.967  1.00 9.43  ? 2    OMZ A CA  1 
HETATM 22  C  C   . OMZ A 1 2 ? -1.697  3.414  -7.001  1.00 7.88  ? 2    OMZ A C   1 
HETATM 23  O  O   . OMZ A 1 2 ? -2.949  3.178  -6.981  1.00 8.92  ? 2    OMZ A O   1 
HETATM 24  C  CB  . OMZ A 1 2 ? -1.977  5.851  -7.575  1.00 10.07 ? 2    OMZ A CB  1 
HETATM 25  O  OC  . OMZ A 1 2 ? -1.442  6.858  -8.493  1.00 12.52 ? 2    OMZ A OC  1 
HETATM 26  C  CG  . OMZ A 1 2 ? -1.636  6.277  -6.133  1.00 8.67  ? 2    OMZ A CG  1 
HETATM 27  C  CD1 . OMZ A 1 2 ? -2.649  5.926  -5.148  1.00 8.33  ? 2    OMZ A CD1 1 
HETATM 28  C  CD2 . OMZ A 1 2 ? -0.455  6.851  -5.774  1.00 8.83  ? 2    OMZ A CD2 1 
HETATM 29  C  CE1 . OMZ A 1 2 ? -2.339  6.174  -3.856  1.00 7.57  ? 2    OMZ A CE1 1 
HETATM 30  CL CL  . OMZ A 1 2 ? -3.504  5.719  -2.613  1.00 8.08  ? 2    OMZ A CL  1 
HETATM 31  C  CE2 . OMZ A 1 2 ? -0.154  7.073  -4.436  1.00 9.06  ? 2    OMZ A CE2 1 
HETATM 32  C  CZ  . OMZ A 1 2 ? -1.134  6.678  -3.477  1.00 7.90  ? 2    OMZ A CZ  1 
HETATM 33  O  OH  . OMZ A 1 2 ? -0.771  6.825  -2.178  1.00 7.94  ? 2    OMZ A OH  1 
ATOM   34  N  N   . ASN A 1 3 ? -0.898  2.778  -6.301  1.00 7.08  ? 3    ASN A N   1 
ATOM   35  C  CA  . ASN A 1 3 ? -1.230  1.531  -5.588  1.00 6.16  ? 3    ASN A CA  1 
ATOM   36  C  C   . ASN A 1 3 ? -1.152  1.618  -4.046  1.00 5.58  ? 3    ASN A C   1 
ATOM   37  O  O   . ASN A 1 3 ? -2.162  1.281  -3.404  1.00 6.29  ? 3    ASN A O   1 
ATOM   38  C  CB  . ASN A 1 3 ? -0.333  0.409  -6.047  1.00 6.68  ? 3    ASN A CB  1 
ATOM   39  C  CG  . ASN A 1 3 ? -0.769  -0.179 -7.372  1.00 9.15  ? 3    ASN A CG  1 
ATOM   40  O  OD1 . ASN A 1 3 ? -1.601  0.390  -8.061  1.00 15.43 ? 3    ASN A OD1 1 
ATOM   41  N  ND2 . ASN A 1 3 ? -0.082  -1.238 -7.780  1.00 8.79  ? 3    ASN A ND2 1 
HETATM 42  N  N   . GHP A 1 4 ? 0.004   1.960  -3.507  1.00 6.18  ? 4    GHP A N   1 
HETATM 43  C  CA  . GHP A 1 4 ? 0.170   1.933  -2.055  1.00 5.99  ? 4    GHP A CA  1 
HETATM 44  C  C   . GHP A 1 4 ? 1.548   1.320  -1.719  1.00 6.17  ? 4    GHP A C   1 
HETATM 45  O  O   . GHP A 1 4 ? 2.589   1.797  -2.127  1.00 7.35  ? 4    GHP A O   1 
HETATM 46  C  C1  . GHP A 1 4 ? 0.147   3.329  -1.421  1.00 6.43  ? 4    GHP A C1  1 
HETATM 47  C  C2  . GHP A 1 4 ? -0.269  4.417  -2.125  1.00 6.57  ? 4    GHP A C2  1 
HETATM 48  C  C3  . GHP A 1 4 ? -0.307  5.688  -1.517  1.00 7.17  ? 4    GHP A C3  1 
HETATM 49  C  C4  . GHP A 1 4 ? 0.156   5.847  -0.210  1.00 7.48  ? 4    GHP A C4  1 
HETATM 50  O  O4  . GHP A 1 4 ? 0.199   7.102  0.366   1.00 9.39  ? 4    GHP A O4  1 
HETATM 51  C  C5  . GHP A 1 4 ? 0.557   4.724  0.480   1.00 7.34  ? 4    GHP A C5  1 
HETATM 52  C  C6  . GHP A 1 4 ? 0.532   3.445  -0.089  1.00 6.81  ? 4    GHP A C6  1 
HETATM 53  N  N   . GHP A 1 5 ? 1.506   0.238  -0.915  1.00 5.76  ? 5    GHP A N   1 
HETATM 54  C  CA  . GHP A 1 5 ? 2.712   -0.198 -0.249  1.00 5.81  ? 5    GHP A CA  1 
HETATM 55  C  C   . GHP A 1 5 ? 2.326   -0.608 1.199   1.00 5.52  ? 5    GHP A C   1 
HETATM 56  O  O   . GHP A 1 5 ? 1.180   -1.086 1.379   1.00 6.35  ? 5    GHP A O   1 
HETATM 57  C  C1  . GHP A 1 5 ? 3.418   -1.417 -0.840  1.00 5.69  ? 5    GHP A C1  1 
HETATM 58  C  C2  . GHP A 1 5 ? 2.728   -2.653 -0.989  1.00 6.02  ? 5    GHP A C2  1 
HETATM 59  C  C3  . GHP A 1 5 ? 3.455   -3.777 -1.299  1.00 6.03  ? 5    GHP A C3  1 
HETATM 60  C  C4  . GHP A 1 5 ? 4.844   -3.753 -1.406  1.00 5.92  ? 5    GHP A C4  1 
HETATM 61  O  O4  . GHP A 1 5 ? 5.550   -4.897 -1.657  1.00 6.24  ? 5    GHP A O4  1 
HETATM 62  C  C5  . GHP A 1 5 ? 5.546   -2.551 -1.298  1.00 6.01  ? 5    GHP A C5  1 
HETATM 63  C  C6  . GHP A 1 5 ? 4.789   -1.383 -1.024  1.00 5.64  ? 5    GHP A C6  1 
HETATM 64  N  N   . OMY A 1 6 ? 3.191   -0.515 2.174   1.00 5.87  ? 6    OMY A N   1 
HETATM 65  C  CA  . OMY A 1 6 ? 4.581   -0.064 2.084   1.00 6.09  ? 6    OMY A CA  1 
HETATM 66  O  OCZ . OMY A 1 6 ? 1.069   4.956  1.752   1.00 8.57  ? 6    OMY A OCZ 1 
HETATM 67  C  CE2 . OMY A 1 6 ? 1.763   3.172  3.186   1.00 7.58  ? 6    OMY A CE2 1 
HETATM 68  C  CE1 . OMY A 1 6 ? 3.290   4.064  1.550   1.00 7.27  ? 6    OMY A CE1 1 
HETATM 69  C  CZ  . OMY A 1 6 ? 2.052   4.050  2.163   1.00 7.46  ? 6    OMY A CZ  1 
HETATM 70  C  CG  . OMY A 1 6 ? 3.932   2.162  2.932   1.00 6.67  ? 6    OMY A CG  1 
HETATM 71  C  CD2 . OMY A 1 6 ? 2.690   2.225  3.567   1.00 7.49  ? 6    OMY A CD2 1 
HETATM 72  C  CD1 . OMY A 1 6 ? 4.220   3.107  1.916   1.00 6.81  ? 6    OMY A CD1 1 
HETATM 73  C  CB  . OMY A 1 6 ? 4.891   1.010  3.136   1.00 6.46  ? 6    OMY A CB  1 
HETATM 74  CL CL  . OMY A 1 6 ? 3.682   5.203  0.326   1.00 9.07  ? 6    OMY A CL  1 
HETATM 75  O  O   . OMY A 1 6 ? 5.152   -2.309 2.761   1.00 7.42  ? 6    OMY A O   1 
HETATM 76  C  C   . OMY A 1 6 ? 5.492   -1.283 2.156   1.00 6.19  ? 6    OMY A C   1 
HETATM 77  O  ODE . OMY A 1 6 ? 4.727   0.379  4.423   1.00 7.16  ? 6    OMY A ODE 1 
HETATM 78  N  N   . 3FG A 1 7 ? 6.612   -1.205 1.430   1.00 5.92  ? 7    3FG A N   1 
HETATM 79  O  OD1 . 3FG A 1 7 ? 6.734   -2.638 -3.766  1.00 8.39  ? 7    3FG A OD1 1 
HETATM 80  C  CD1 . 3FG A 1 7 ? 7.607   -2.453 -2.721  1.00 6.84  ? 7    3FG A CD1 1 
HETATM 81  C  CG1 . 3FG A 1 7 ? 7.011   -2.468 -1.423  1.00 6.01  ? 7    3FG A CG1 1 
HETATM 82  C  CZ  . 3FG A 1 7 ? 8.968   -2.282 -2.887  1.00 7.75  ? 7    3FG A CZ  1 
HETATM 83  C  CD2 . 3FG A 1 7 ? 9.795   -2.095 -1.807  1.00 7.62  ? 7    3FG A CD2 1 
HETATM 84  O  OD2 . 3FG A 1 7 ? 11.152  -1.941 -1.981  1.00 9.30  ? 7    3FG A OD2 1 
HETATM 85  C  CG2 . 3FG A 1 7 ? 9.282   -2.130 -0.520  1.00 6.61  ? 7    3FG A CG2 1 
HETATM 86  C  CB  . 3FG A 1 7 ? 7.886   -2.326 -0.317  1.00 5.92  ? 7    3FG A CB  1 
HETATM 87  C  CA  . 3FG A 1 7 ? 7.348   -2.389 1.106   1.00 6.36  ? 7    3FG A CA  1 
HETATM 88  C  C   . 3FG A 1 7 ? 8.421   -2.760 2.126   1.00 7.45  ? 7    3FG A C   1 
HETATM 89  O  O   . 3FG A 1 7 ? 8.800   -1.868 2.935   1.00 8.01  ? 7    3FG A O   1 
HETATM 90  O  OXT . 3FG A 1 7 ? 8.866   -3.946 2.067   1.00 9.35  ? 7    3FG A OXT 1 
HETATM 91  N  N   . MLU B 1 1 ? -3.011  -3.533 12.462  1.00 14.63 ? 1    MLU B N   1 
HETATM 92  C  CN  . MLU B 1 1 ? -3.112  -2.068 12.717  1.00 19.39 ? 1    MLU B CN  1 
HETATM 93  C  CA  . MLU B 1 1 ? -2.395  -3.726 11.084  1.00 11.24 ? 1    MLU B CA  1 
HETATM 94  C  C   . MLU B 1 1 ? -0.979  -3.132 11.169  1.00 8.80  ? 1    MLU B C   1 
HETATM 95  O  O   . MLU B 1 1 ? -0.225  -3.537 12.019  1.00 11.31 ? 1    MLU B O   1 
HETATM 96  C  CB  . MLU B 1 1 ? -2.173  -5.200 10.900  1.00 15.53 ? 1    MLU B CB  1 
HETATM 97  C  CG  . MLU B 1 1 ? -1.445  -5.567 9.574   1.00 17.40 ? 1    MLU B CG  1 
HETATM 98  C  CD1 . MLU B 1 1 ? -1.017  -7.017 9.585   1.00 21.03 ? 1    MLU B CD1 1 
HETATM 99  C  CD2 . MLU B 1 1 ? -2.265  -5.293 8.419   1.00 21.35 ? 1    MLU B CD2 1 
HETATM 100 N  N   . OMZ B 1 2 ? -0.692  -2.167 10.258  1.00 6.82  ? 2    OMZ B N   1 
HETATM 101 C  CA  . OMZ B 1 2 ? 0.649   -1.636 10.194  1.00 6.20  ? 2    OMZ B CA  1 
HETATM 102 C  C   . OMZ B 1 2 ? 1.299   -1.704 8.803   1.00 6.01  ? 2    OMZ B C   1 
HETATM 103 O  O   . OMZ B 1 2 ? 2.504   -1.460 8.715   1.00 6.89  ? 2    OMZ B O   1 
HETATM 104 C  CB  . OMZ B 1 2 ? 0.763   -0.188 10.737  1.00 6.64  ? 2    OMZ B CB  1 
HETATM 105 O  OC  . OMZ B 1 2 ? 0.024   -0.071 11.967  1.00 7.24  ? 2    OMZ B OC  1 
HETATM 106 C  CG  . OMZ B 1 2 ? 0.239   0.854  9.775   1.00 5.90  ? 2    OMZ B CG  1 
HETATM 107 C  CD1 . OMZ B 1 2 ? 1.189   1.561  8.974   1.00 6.31  ? 2    OMZ B CD1 1 
HETATM 108 C  CD2 . OMZ B 1 2 ? -1.100  1.089  9.597   1.00 6.41  ? 2    OMZ B CD2 1 
HETATM 109 C  CE1 . OMZ B 1 2 ? 0.745   2.433  8.002   1.00 6.22  ? 2    OMZ B CE1 1 
HETATM 110 CL CL  . OMZ B 1 2 ? 1.894   3.278  7.013   1.00 7.07  ? 2    OMZ B CL  1 
HETATM 111 C  CE2 . OMZ B 1 2 ? -1.543  1.963  8.594   1.00 6.31  ? 2    OMZ B CE2 1 
HETATM 112 C  CZ  . OMZ B 1 2 ? -0.615  2.603  7.801   1.00 6.25  ? 2    OMZ B CZ  1 
HETATM 113 O  OH  . OMZ B 1 2 ? -1.065  3.456  6.782   1.00 6.64  ? 2    OMZ B OH  1 
ATOM   114 N  N   . ASN B 1 3 ? 0.537   -2.079 7.793   1.00 5.84  ? 3    ASN B N   1 
ATOM   115 C  CA  . ASN B 1 3 ? 1.106   -2.477 6.504   1.00 5.96  ? 3    ASN B CA  1 
ATOM   116 C  C   . ASN B 1 3 ? 0.841   -1.499 5.343   1.00 5.68  ? 3    ASN B C   1 
ATOM   117 O  O   . ASN B 1 3 ? 1.819   -1.037 4.737   1.00 6.42  ? 3    ASN B O   1 
ATOM   118 C  CB  . ASN B 1 3 ? 0.605   -3.852 6.091   1.00 7.23  ? 3    ASN B CB  1 
ATOM   119 C  CG  . ASN B 1 3 ? 1.304   -4.943 6.835   1.00 10.28 ? 3    ASN B CG  1 
ATOM   120 O  OD1 . ASN B 1 3 ? 2.064   -4.752 7.780   1.00 15.78 ? 3    ASN B OD1 1 
ATOM   121 N  ND2 . ASN B 1 3 ? 1.049   -6.177 6.412   1.00 10.79 ? 3    ASN B ND2 1 
HETATM 122 N  N   . GHP B 1 4 ? -0.422  -1.275 4.993   1.00 5.28  ? 4    GHP B N   1 
HETATM 123 C  CA  . GHP B 1 4 ? -0.710  -0.496 3.784   1.00 5.35  ? 4    GHP B CA  1 
HETATM 124 C  C   . GHP B 1 4 ? -1.880  -1.124 3.015   1.00 5.43  ? 4    GHP B C   1 
HETATM 125 O  O   . GHP B 1 4 ? -2.951  -1.386 3.561   1.00 5.98  ? 4    GHP B O   1 
HETATM 126 C  C1  . GHP B 1 4 ? -1.044  0.957  4.055   1.00 5.57  ? 4    GHP B C1  1 
HETATM 127 C  C2  . GHP B 1 4 ? -0.858  1.506  5.313   1.00 5.85  ? 4    GHP B C2  1 
HETATM 128 C  C3  . GHP B 1 4 ? -1.231  2.829  5.552   1.00 5.96  ? 4    GHP B C3  1 
HETATM 129 C  C4  . GHP B 1 4 ? -1.815  3.603  4.576   1.00 5.68  ? 4    GHP B C4  1 
HETATM 130 O  O4  . GHP B 1 4 ? -2.289  4.857  4.807   1.00 6.45  ? 4    GHP B O4  1 
HETATM 131 C  C5  . GHP B 1 4 ? -2.006  3.024  3.314   1.00 5.94  ? 4    GHP B C5  1 
HETATM 132 C  C6  . GHP B 1 4 ? -1.602  1.732  3.054   1.00 5.55  ? 4    GHP B C6  1 
HETATM 133 N  N   . GHP B 1 5 ? -1.663  -1.300 1.708   1.00 4.99  ? 5    GHP B N   1 
HETATM 134 C  CA  . GHP B 1 5 ? -2.762  -1.544 0.817   1.00 5.09  ? 5    GHP B CA  1 
HETATM 135 C  C   . GHP B 1 5 ? -2.448  -0.829 -0.510  1.00 5.12  ? 5    GHP B C   1 
HETATM 136 O  O   . GHP B 1 5 ? -1.233  -0.673 -0.814  1.00 5.37  ? 5    GHP B O   1 
HETATM 137 C  C1  . GHP B 1 5 ? -3.071  -2.998 0.454   1.00 5.03  ? 5    GHP B C1  1 
HETATM 138 C  C2  . GHP B 1 5 ? -2.073  -3.798 -0.142  1.00 5.34  ? 5    GHP B C2  1 
HETATM 139 C  C3  . GHP B 1 5 ? -2.395  -5.026 -0.642  1.00 5.42  ? 5    GHP B C3  1 
HETATM 140 C  C4  . GHP B 1 5 ? -3.730  -5.498 -0.593  1.00 5.32  ? 5    GHP B C4  1 
HETATM 141 O  O4  . GHP B 1 5 ? -4.066  -6.708 -1.142  1.00 5.60  ? 5    GHP B O4  1 
HETATM 142 C  C5  . GHP B 1 5 ? -4.739  -4.721 -0.012  1.00 5.13  ? 5    GHP B C5  1 
HETATM 143 C  C6  . GHP B 1 5 ? -4.373  -3.484 0.534   1.00 5.31  ? 5    GHP B C6  1 
HETATM 144 N  N   . OMY B 1 6 ? -3.403  -0.462 -1.351  1.00 5.16  ? 6    OMY B N   1 
HETATM 145 C  CA  . OMY B 1 6 ? -4.857  -0.607 -1.149  1.00 5.12  ? 6    OMY B CA  1 
HETATM 146 O  OCZ . OMY B 1 6 ? -2.634  3.839  2.387   1.00 5.97  ? 6    OMY B OCZ 1 
HETATM 147 C  CE2 . OMY B 1 6 ? -3.143  3.320  0.125   1.00 5.62  ? 6    OMY B CE2 1 
HETATM 148 C  CE1 . OMY B 1 6 ? -4.506  2.352  1.876   1.00 5.32  ? 6    OMY B CE1 1 
HETATM 149 C  CZ  . OMY B 1 6 ? -3.429  3.171  1.468   1.00 5.64  ? 6    OMY B CZ  1 
HETATM 150 C  CG  . OMY B 1 6 ? -4.910  1.748  -0.424  1.00 5.29  ? 6    OMY B CG  1 
HETATM 151 C  CD2 . OMY B 1 6 ? -3.883  2.623  -0.817  1.00 5.59  ? 6    OMY B CD2 1 
HETATM 152 C  CD1 . OMY B 1 6 ? -5.228  1.626  0.939   1.00 5.33  ? 6    OMY B CD1 1 
HETATM 153 C  CB  . OMY B 1 6 ? -5.541  0.748  -1.369  1.00 5.36  ? 6    OMY B CB  1 
HETATM 154 CL CL  . OMY B 1 6 ? -4.907  2.171  3.546   1.00 6.24  ? 6    OMY B CL  1 
HETATM 155 O  O   . OMY B 1 6 ? -4.817  -2.084 -3.049  1.00 6.38  ? 6    OMY B O   1 
HETATM 156 C  C   . OMY B 1 6 ? -5.364  -1.763 -1.995  1.00 5.50  ? 6    OMY B C   1 
HETATM 157 O  ODE . OMY B 1 6 ? -5.356  1.079  -2.746  1.00 5.67  ? 6    OMY B ODE 1 
HETATM 158 N  N   . 3FG B 1 7 ? -6.405  -2.442 -1.469  1.00 5.33  ? 7    3FG B N   1 
HETATM 159 O  OD1 . 3FG B 1 7 ? -5.587  -6.595 1.838   1.00 6.14  ? 7    3FG B OD1 1 
HETATM 160 C  CD1 . 3FG B 1 7 ? -6.546  -6.134 0.996   1.00 5.63  ? 7    3FG B CD1 1 
HETATM 161 C  CG1 . 3FG B 1 7 ? -6.132  -5.181 0.017   1.00 5.29  ? 7    3FG B CG1 1 
HETATM 162 C  CZ  . 3FG B 1 7 ? -7.862  -6.565 1.107   1.00 6.81  ? 7    3FG B CZ  1 
HETATM 163 C  CD2 . 3FG B 1 7 ? -8.811  -6.045 0.265   1.00 7.72  ? 7    3FG B CD2 1 
HETATM 164 O  OD2 . 3FG B 1 7 ? -10.125 -6.436 0.375   1.00 10.64 ? 7    3FG B OD2 1 
HETATM 165 C  CG2 . 3FG B 1 7 ? -8.466  -5.109 -0.739  1.00 6.69  ? 7    3FG B CG2 1 
HETATM 166 C  CB  . 3FG B 1 7 ? -7.143  -4.696 -0.856  1.00 5.51  ? 7    3FG B CB  1 
HETATM 167 C  CA  . 3FG B 1 7 ? -6.717  -3.750 -1.987  1.00 5.61  ? 7    3FG B CA  1 
HETATM 168 C  C   . 3FG B 1 7 ? -7.737  -3.688 -3.153  1.00 6.54  ? 7    3FG B C   1 
HETATM 169 O  O   . 3FG B 1 7 ? -8.455  -2.696 -3.281  1.00 7.29  ? 7    3FG B O   1 
HETATM 170 O  OXT . 3FG B 1 7 ? -7.820  -4.745 -3.848  1.00 8.49  ? 7    3FG B OXT 1 
HETATM 171 C  C1  . DVC C 2 . ? 5.219   1.149  5.499   1.00 8.31  ? 9    DVC A C1  1 
HETATM 172 C  C2  . DVC C 2 . ? 4.754   0.501  6.798   1.00 9.34  ? 9    DVC A C2  1 
HETATM 173 C  C3  . DVC C 2 . ? 5.576   -0.724 7.168   1.00 8.94  ? 9    DVC A C3  1 
HETATM 174 N  N3  . DVC C 2 . ? 5.251   -0.937 8.606   1.00 10.47 ? 9    DVC A N3  1 
HETATM 175 C  C4  . DVC C 2 . ? 7.082   -0.472 7.047   1.00 11.30 ? 9    DVC A C4  1 
HETATM 176 O  O4  . DVC C 2 . ? 7.380   0.499  8.054   1.00 14.78 ? 9    DVC A O4  1 
HETATM 177 C  C5  . DVC C 2 . ? 7.388   0.059  5.617   1.00 9.52  ? 9    DVC A C5  1 
HETATM 178 O  O5  . DVC C 2 . ? 6.635   1.296  5.463   1.00 9.71  ? 9    DVC A O5  1 
HETATM 179 C  C6  . DVC C 2 . ? 8.869   0.507  5.515   1.00 12.59 ? 9    DVC A C6  1 
HETATM 180 C  C3M . DVC C 2 . ? 5.143   -1.887 6.369   1.00 9.71  ? 9    DVC A C3M 1 
HETATM 181 O  O41 . DVC C 2 . ? 7.839   -1.667 7.298   1.00 14.33 ? 9    DVC A O41 1 
HETATM 182 N  N   . DAL D 3 . ? 5.964   -0.084 -4.488  1.00 9.07  ? 11   DAL A N   1 
HETATM 183 C  CA  . DAL D 3 . ? 4.700   0.594  -4.130  1.00 9.18  ? 11   DAL A CA  1 
HETATM 184 C  CB  . DAL D 3 . ? 3.521   -0.221 -4.635  1.00 10.04 ? 11   DAL A CB  1 
HETATM 185 C  C   . DAL D 3 . ? 4.744   1.948  -4.756  1.00 9.52  ? 11   DAL A C   1 
HETATM 186 O  O   . DAL D 3 . ? 5.245   2.115  -5.849  1.00 9.85  ? 11   DAL A O   1 
HETATM 187 N  N   . DAL E 3 . ? 4.107   2.935  -4.078  1.00 9.83  ? 12   DAL A N   1 
HETATM 188 C  CA  . DAL E 3 . ? 3.750   4.210  -4.629  1.00 10.59 ? 12   DAL A CA  1 
HETATM 189 C  CB  . DAL E 3 . ? 3.509   5.232  -3.526  1.00 11.61 ? 12   DAL A CB  1 
HETATM 190 C  C   . DAL E 3 . ? 2.466   4.077  -5.457  1.00 9.00  ? 12   DAL A C   1 
HETATM 191 O  O   . DAL E 3 . ? 1.795   3.012  -5.444  1.00 9.17  ? 12   DAL A O   1 
HETATM 192 O  OXT . DAL E 3 . ? 2.140   5.099  -6.129  1.00 10.61 ? 12   DAL A OXT 1 
HETATM 193 NA NA  . NA  F 4 . ? 5.579   6.658  -8.492  1.00 6.46  ? 1001 NA  A NA  1 
HETATM 194 C  C1  . DVC G 2 . ? -6.089  2.174  -3.217  1.00 6.26  ? 9    DVC B C1  1 
HETATM 195 C  C2  . DVC G 2 . ? -5.534  2.557  -4.558  1.00 7.52  ? 9    DVC B C2  1 
HETATM 196 C  C3  . DVC G 2 . ? -5.958  1.616  -5.684  1.00 8.44  ? 9    DVC B C3  1 
HETATM 197 N  N3  . DVC G 2 . ? -5.651  2.285  -6.998  1.00 11.40 ? 9    DVC B N3  1 
HETATM 198 C  C4  . DVC G 2 . ? -7.478  1.441  -5.614  1.00 8.43  ? 9    DVC B C4  1 
HETATM 199 O  O4  . DVC G 2 . ? -8.113  2.668  -5.851  1.00 9.86  ? 9    DVC B O4  1 
HETATM 200 C  C5  . DVC G 2 . ? -7.908  0.932  -4.190  1.00 6.93  ? 9    DVC B C5  1 
HETATM 201 O  O5  . DVC G 2 . ? -7.488  1.908  -3.216  1.00 6.35  ? 9    DVC B O5  1 
HETATM 202 C  C6  . DVC G 2 . ? -9.409  0.773  -4.035  1.00 8.32  ? 9    DVC B C6  1 
HETATM 203 C  C3M . DVC G 2 . ? -5.223  0.292  -5.675  1.00 8.66  ? 9    DVC B C3M 1 
HETATM 204 O  O41 . DVC G 2 . ? -7.949  0.483  -6.578  1.00 10.01 ? 9    DVC B O41 1 
HETATM 205 N  N   . DAL H 3 . ? -5.737  -4.916 4.122   1.00 8.08  ? 11   DAL B N   1 
HETATM 206 C  CA  . DAL H 3 . ? -4.642  -3.939 4.332   1.00 6.98  ? 11   DAL B CA  1 
HETATM 207 C  CB  . DAL H 3 . ? -3.274  -4.624 4.309   1.00 7.93  ? 11   DAL B CB  1 
HETATM 208 C  C   . DAL H 3 . ? -4.887  -3.282 5.683   1.00 7.63  ? 11   DAL B C   1 
HETATM 209 O  O   . DAL H 3 . ? -5.452  -3.910 6.584   1.00 10.10 ? 11   DAL B O   1 
HETATM 210 N  N   . DAL I 3 . ? -4.481  -2.052 5.815   1.00 6.60  ? 12   DAL B N   1 
HETATM 211 C  CA  . DAL I 3 . ? -4.436  -1.321 7.035   1.00 6.94  ? 12   DAL B CA  1 
HETATM 212 C  CB  . DAL I 3 . ? -4.501  0.208  6.718   1.00 8.67  ? 12   DAL B CB  1 
HETATM 213 C  C   . DAL I 3 . ? -3.143  -1.619 7.798   1.00 6.73  ? 12   DAL B C   1 
HETATM 214 O  O   . DAL I 3 . ? -2.164  -2.089 7.178   1.00 7.08  ? 12   DAL B O   1 
HETATM 215 O  OXT . DAL I 3 . ? -3.128  -1.330 9.027   1.00 7.85  ? 12   DAL B OXT 1 
HETATM 216 C  C1  . PGO J 5 . ? 0.333   6.861  5.985   1.00 7.59  ? 1001 PGO B C1  1 
HETATM 217 C  C2  . PGO J 5 . ? 0.864   6.638  4.576   1.00 7.08  ? 1001 PGO B C2  1 
HETATM 218 C  C3  . PGO J 5 . ? 2.398   6.579  4.536   1.00 8.40  ? 1001 PGO B C3  1 
HETATM 219 O  O1  . PGO J 5 . ? -1.103  6.863  5.950   1.00 6.96  ? 1001 PGO B O1  1 
HETATM 220 O  O2  . PGO J 5 . ? 0.363   7.609  3.709   1.00 11.73 ? 1001 PGO B O2  1 
HETATM 221 NA NA  . NA  K 4 . ? -1.811  8.452  4.203   0.33 7.65  ? 1002 NA  B NA  1 
HETATM 222 O  O   . HOH L 6 . ? 2.854   5.938  -12.653 0.40 6.91  ? 2001 HOH A O   1 
HETATM 223 O  O   . HOH L 6 . ? 3.589   6.707  -10.960 0.40 13.81 ? 2002 HOH A O   1 
HETATM 224 O  O   . HOH L 6 . ? 0.407   6.449  -13.280 1.00 30.27 ? 2003 HOH A O   1 
HETATM 225 O  O   . HOH L 6 . ? -2.850  6.609  -11.213 1.00 50.51 ? 2004 HOH A O   1 
HETATM 226 O  O   . HOH L 6 . ? -2.104  9.676  -7.907  0.50 34.65 ? 2005 HOH A O   1 
HETATM 227 O  O   . HOH L 6 . ? 9.378   -0.962 -6.645  1.00 15.10 ? 2006 HOH A O   1 
HETATM 228 O  O   . HOH L 6 . ? 8.317   -5.444 5.678   1.00 56.33 ? 2007 HOH A O   1 
HETATM 229 O  O   . HOH L 6 . ? 12.395  0.348  7.125   1.00 52.88 ? 2008 HOH A O   1 
HETATM 230 O  O   . HOH L 6 . ? -1.846  0.693  -10.821 1.00 35.82 ? 2009 HOH A O   1 
HETATM 231 O  O   . HOH L 6 . ? 1.956   10.502 -6.997  1.00 40.20 ? 2010 HOH A O   1 
HETATM 232 O  O   . HOH L 6 . ? 0.257   9.553  -1.365  1.00 23.23 ? 2011 HOH A O   1 
HETATM 233 O  O   . HOH L 6 . ? 4.011   -7.058 -1.045  1.00 8.08  ? 2012 HOH A O   1 
HETATM 234 O  O   . HOH L 6 . ? 3.403   -4.443 3.121   1.00 20.32 ? 2013 HOH A O   1 
HETATM 235 O  O   . HOH L 6 . ? 8.019   -3.177 -6.015  1.00 23.39 ? 2014 HOH A O   1 
HETATM 236 O  O   . HOH L 6 . ? 12.637  -1.955 0.200   1.00 18.77 ? 2015 HOH A O   1 
HETATM 237 O  O   . HOH L 6 . ? 11.915  -3.941 2.075   1.00 31.25 ? 2016 HOH A O   1 
HETATM 238 O  O   . HOH L 6 . ? 7.950   3.181  8.442   1.00 23.38 ? 2017 HOH A O   1 
HETATM 239 O  O   . HOH L 6 . ? 6.113   -3.431 9.555   1.00 20.34 ? 2018 HOH A O   1 
HETATM 240 O  O   . HOH L 6 . ? 9.249   -3.011 9.494   1.00 50.19 ? 2019 HOH A O   1 
HETATM 241 O  O   . HOH L 6 . ? 8.925   -3.119 5.414   1.00 19.94 ? 2020 HOH A O   1 
HETATM 242 O  O   . HOH L 6 . ? 9.985   0.372  8.777   1.00 25.07 ? 2021 HOH A O   1 
HETATM 243 O  O   . HOH L 6 . ? 7.724   1.305  -3.065  1.00 10.14 ? 2022 HOH A O   1 
HETATM 244 O  O   . HOH L 6 . ? 3.397   7.466  -6.326  1.00 15.91 ? 2023 HOH A O   1 
HETATM 245 O  O   . HOH M 6 . ? -1.713  -4.975 14.516  1.00 23.36 ? 2001 HOH B O   1 
HETATM 246 O  O   . HOH M 6 . ? -5.377  -4.718 12.520  1.00 37.07 ? 2002 HOH B O   1 
HETATM 247 O  O   . HOH M 6 . ? 1.057   -5.935 13.026  1.00 31.22 ? 2003 HOH B O   1 
HETATM 248 O  O   . HOH M 6 . ? 2.646   -3.699 13.723  1.00 27.99 ? 2004 HOH B O   1 
HETATM 249 O  O   . HOH M 6 . ? -0.990  1.905  13.636  1.00 6.62  ? 2005 HOH B O   1 
HETATM 250 O  O   . HOH M 6 . ? 1.120   -1.273 14.055  1.00 9.53  ? 2006 HOH B O   1 
HETATM 251 O  O   . HOH M 6 . ? 4.982   -5.191 7.758   1.00 48.61 ? 2007 HOH B O   1 
HETATM 252 O  O   . HOH M 6 . ? 2.302   -6.129 10.162  1.00 30.08 ? 2008 HOH B O   1 
HETATM 253 O  O   . HOH M 6 . ? -8.693  -1.445 5.400   1.00 37.73 ? 2009 HOH B O   1 
HETATM 254 O  O   . HOH M 6 . ? -7.857  -8.072 6.658   0.50 38.46 ? 2010 HOH B O   1 
HETATM 255 O  O   . HOH M 6 . ? -7.751  -7.301 8.835   1.00 31.91 ? 2011 HOH B O   1 
HETATM 256 O  O   . HOH M 6 . ? -2.106  -7.481 -2.822  1.00 7.33  ? 2012 HOH B O   1 
HETATM 257 O  O   . HOH M 6 . ? -2.645  -2.740 -4.563  1.00 12.93 ? 2013 HOH B O   1 
HETATM 258 O  O   . HOH M 6 . ? -11.351 -3.365 0.331   1.00 29.91 ? 2014 HOH B O   1 
HETATM 259 O  O   . HOH M 6 . ? -13.414 -6.177 1.538   1.00 44.78 ? 2015 HOH B O   1 
HETATM 260 O  O   . HOH M 6 . ? -9.924  -4.600 3.286   1.00 21.85 ? 2016 HOH B O   1 
HETATM 261 O  O   . HOH M 6 . ? -11.571 -6.267 -1.749  1.00 31.83 ? 2017 HOH B O   1 
HETATM 262 O  O   . HOH M 6 . ? -5.610  -5.698 -5.572  1.00 21.07 ? 2018 HOH B O   1 
HETATM 263 O  O   . HOH M 6 . ? -10.205 -5.427 -4.741  1.00 29.38 ? 2019 HOH B O   1 
HETATM 264 O  O   . HOH M 6 . ? -11.054 -7.948 2.318   1.00 16.99 ? 2020 HOH B O   1 
HETATM 265 O  O   . HOH M 6 . ? -6.297  -8.594 3.372   1.00 8.32  ? 2021 HOH B O   1 
HETATM 266 O  O   . HOH M 6 . ? -6.082  0.887  -9.359  1.00 24.46 ? 2022 HOH B O   1 
HETATM 267 O  O   . HOH M 6 . ? -10.102 2.680  -7.498  1.00 36.30 ? 2023 HOH B O   1 
HETATM 268 O  O   . HOH M 6 . ? -8.557  -2.075 -5.987  1.00 19.58 ? 2024 HOH B O   1 
HETATM 269 O  O   . HOH M 6 . ? -8.350  -2.328 7.508   1.00 44.18 ? 2025 HOH B O   1 
HETATM 270 O  O   . HOH M 6 . ? -7.153  -3.991 8.759   1.00 32.47 ? 2026 HOH B O   1 
HETATM 271 O  O   . HOH M 6 . ? -7.930  -6.627 4.403   1.00 18.83 ? 2027 HOH B O   1 
HETATM 272 O  O   . HOH M 6 . ? -7.777  -2.958 3.332   1.00 15.10 ? 2028 HOH B O   1 
HETATM 273 O  O   . HOH M 6 . ? -5.237  -0.384 10.311  1.00 23.54 ? 2029 HOH B O   1 
HETATM 274 O  O   . HOH M 6 . ? 2.127   8.663  1.883   1.00 32.70 ? 2030 HOH B O   1 
# 
loop_
_atom_site_anisotrop.id 
_atom_site_anisotrop.type_symbol 
_atom_site_anisotrop.pdbx_label_atom_id 
_atom_site_anisotrop.pdbx_label_alt_id 
_atom_site_anisotrop.pdbx_label_comp_id 
_atom_site_anisotrop.pdbx_label_asym_id 
_atom_site_anisotrop.pdbx_label_seq_id 
_atom_site_anisotrop.pdbx_PDB_ins_code 
_atom_site_anisotrop.U[1][1] 
_atom_site_anisotrop.U[2][2] 
_atom_site_anisotrop.U[3][3] 
_atom_site_anisotrop.U[1][2] 
_atom_site_anisotrop.U[1][3] 
_atom_site_anisotrop.U[2][3] 
_atom_site_anisotrop.pdbx_auth_seq_id 
_atom_site_anisotrop.pdbx_auth_comp_id 
_atom_site_anisotrop.pdbx_auth_asym_id 
_atom_site_anisotrop.pdbx_auth_atom_id 
1   N  N   A MLU A 1 ? 0.1220 0.0732 0.0798 0.0174  0.0107  0.0025  1    MLU A N   
2   N  N   B MLU A 1 ? 0.2155 0.1892 0.1376 -0.0060 0.0236  0.0592  1    MLU A N   
3   C  CN  A MLU A 1 ? 0.1124 0.0745 0.1491 0.0109  0.0269  -0.0010 1    MLU A CN  
4   C  CN  B MLU A 1 ? 0.1716 0.2619 0.3229 -0.0364 0.0327  0.1568  1    MLU A CN  
5   C  CA  A MLU A 1 ? 0.1020 0.0753 0.0834 0.0161  0.0141  0.0037  1    MLU A CA  
6   C  CA  B MLU A 1 ? 0.1923 0.1456 0.0929 -0.0219 0.0234  0.0104  1    MLU A CA  
7   C  C   A MLU A 1 ? 0.1119 0.0867 0.0898 0.0084  -0.0076 -0.0193 1    MLU A C   
8   C  C   B MLU A 1 ? 0.1825 0.1180 0.0710 0.0072  0.0044  0.0013  1    MLU A C   
9   O  O   A MLU A 1 ? 0.1334 0.1580 0.0639 0.0180  0.0095  -0.0009 1    MLU A O   
10  O  O   B MLU A 1 ? 0.2064 0.1570 0.1253 -0.0141 -0.0280 0.0413  1    MLU A O   
11  C  CB  A MLU A 1 ? 0.1317 0.0733 0.1019 0.0100  0.0394  -0.0005 1    MLU A CB  
12  C  CB  B MLU A 1 ? 0.1844 0.1638 0.0822 -0.0029 0.0285  -0.0075 1    MLU A CB  
13  C  CG  A MLU A 1 ? 0.1660 0.0872 0.0759 0.0224  0.0366  -0.0155 1    MLU A CG  
14  C  CG  B MLU A 1 ? 0.1505 0.1376 0.1142 0.0450  0.0474  0.0009  1    MLU A CG  
15  C  CD1 A MLU A 1 ? 0.1579 0.1085 0.1134 0.0275  -0.0033 -0.0421 1    MLU A CD1 
16  C  CD1 B MLU A 1 ? 0.2345 0.2770 0.2254 0.0029  -0.0557 0.0494  1    MLU A CD1 
17  C  CD2 A MLU A 1 ? 0.1720 0.0916 0.1503 0.0009  0.0597  -0.0081 1    MLU A CD2 
18  C  CD2 B MLU A 1 ? 0.1593 0.1509 0.3044 0.0232  0.0305  -0.0805 1    MLU A CD2 
19  N  N   A OMZ A 2 ? 0.1350 0.1389 0.0684 0.0146  0.0215  0.0099  2    OMZ A N   
20  N  N   B OMZ A 2 ? 0.1966 0.0552 0.0604 0.0239  0.0455  -0.0107 2    OMZ A N   
21  C  CA  . OMZ A 2 ? 0.1763 0.0837 0.0984 0.0212  -0.0007 0.0029  2    OMZ A CA  
22  C  C   . OMZ A 2 ? 0.1356 0.0821 0.0819 0.0188  -0.0022 -0.0082 2    OMZ A C   
23  O  O   . OMZ A 2 ? 0.1523 0.0906 0.0959 0.0354  -0.0218 0.0138  2    OMZ A O   
24  C  CB  . OMZ A 2 ? 0.2005 0.0798 0.1023 0.0369  0.0033  0.0161  2    OMZ A CB  
25  O  OC  . OMZ A 2 ? 0.2606 0.1055 0.1095 0.0147  0.0182  0.0234  2    OMZ A OC  
26  C  CG  . OMZ A 2 ? 0.1609 0.0677 0.1010 0.0248  0.0172  0.0045  2    OMZ A CG  
27  C  CD1 . OMZ A 2 ? 0.1335 0.0713 0.1116 0.0143  0.0088  0.0000  2    OMZ A CD1 
28  C  CD2 . OMZ A 2 ? 0.1456 0.0712 0.1188 0.0107  0.0407  0.0064  2    OMZ A CD2 
29  C  CE1 . OMZ A 2 ? 0.1226 0.0714 0.0937 0.0176  0.0176  -0.0121 2    OMZ A CE1 
30  CL CL  . OMZ A 2 ? 0.1123 0.0935 0.1010 0.0107  0.0104  -0.0058 2    OMZ A CL  
31  C  CE2 . OMZ A 2 ? 0.1312 0.0788 0.1343 0.0221  0.0237  -0.0059 2    OMZ A CE2 
32  C  CZ  . OMZ A 2 ? 0.1171 0.0622 0.1208 0.0169  0.0244  -0.0174 2    OMZ A CZ  
33  O  OH  . OMZ A 2 ? 0.1189 0.0657 0.1171 0.0134  0.0059  -0.0192 2    OMZ A OH  
34  N  N   . ASN A 3 ? 0.1332 0.0627 0.0732 0.0070  0.0121  -0.0055 3    ASN A N   
35  C  CA  . ASN A 3 ? 0.1052 0.0609 0.0680 0.0175  0.0006  -0.0079 3    ASN A CA  
36  C  C   . ASN A 3 ? 0.0851 0.0597 0.0674 0.0132  0.0033  -0.0063 3    ASN A C   
37  O  O   . ASN A 3 ? 0.0842 0.0802 0.0745 0.0115  -0.0006 -0.0014 3    ASN A O   
38  C  CB  . ASN A 3 ? 0.0999 0.0770 0.0768 0.0295  -0.0133 -0.0217 3    ASN A CB  
39  C  CG  . ASN A 3 ? 0.1610 0.0981 0.0885 0.0627  -0.0474 -0.0368 3    ASN A CG  
40  O  OD1 . ASN A 3 ? 0.2699 0.1579 0.1584 0.1383  -0.1267 -0.0908 3    ASN A OD1 
41  N  ND2 . ASN A 3 ? 0.1636 0.0862 0.0843 0.0491  -0.0357 -0.0353 3    ASN A ND2 
42  N  N   . GHP A 4 ? 0.0917 0.0699 0.0733 0.0024  0.0087  -0.0135 4    GHP A N   
43  C  CA  . GHP A 4 ? 0.0837 0.0753 0.0687 0.0058  0.0002  -0.0175 4    GHP A CA  
44  C  C   . GHP A 4 ? 0.0852 0.0639 0.0854 0.0091  0.0016  -0.0227 4    GHP A C   
45  O  O   . GHP A 4 ? 0.0823 0.0826 0.1145 -0.0015 0.0096  -0.0144 4    GHP A O   
46  C  C1  . GHP A 4 ? 0.0825 0.0665 0.0953 0.0112  0.0058  -0.0231 4    GHP A C1  
47  C  C2  . GHP A 4 ? 0.0859 0.0732 0.0907 0.0104  -0.0019 -0.0220 4    GHP A C2  
48  C  C3  . GHP A 4 ? 0.0911 0.0676 0.1138 0.0172  0.0086  -0.0242 4    GHP A C3  
49  C  C4  . GHP A 4 ? 0.0820 0.0788 0.1234 0.0161  -0.0068 -0.0472 4    GHP A C4  
50  O  O4  . GHP A 4 ? 0.1004 0.0900 0.1663 0.0196  0.0015  -0.0701 4    GHP A O4  
51  C  C5  . GHP A 4 ? 0.0771 0.0933 0.1083 0.0158  -0.0039 -0.0441 4    GHP A C5  
52  C  C6  . GHP A 4 ? 0.0851 0.0830 0.0907 0.0178  -0.0084 -0.0344 4    GHP A C6  
53  N  N   . GHP A 5 ? 0.0788 0.0715 0.0683 0.0063  -0.0054 -0.0212 5    GHP A N   
54  C  CA  . GHP A 5 ? 0.0724 0.0816 0.0666 0.0043  0.0036  -0.0195 5    GHP A CA  
55  C  C   . GHP A 5 ? 0.0816 0.0695 0.0587 0.0049  -0.0031 -0.0236 5    GHP A C   
56  O  O   . GHP A 5 ? 0.0700 0.0998 0.0714 0.0050  -0.0008 -0.0256 5    GHP A O   
57  C  C1  . GHP A 5 ? 0.0787 0.0728 0.0647 0.0016  -0.0011 -0.0218 5    GHP A C1  
58  C  C2  . GHP A 5 ? 0.0822 0.0796 0.0669 0.0090  -0.0128 -0.0171 5    GHP A C2  
59  C  C3  . GHP A 5 ? 0.0875 0.0741 0.0675 0.0117  -0.0149 -0.0169 5    GHP A C3  
60  C  C4  . GHP A 5 ? 0.0848 0.0736 0.0667 0.0054  -0.0050 -0.0201 5    GHP A C4  
61  O  O4  . GHP A 5 ? 0.0865 0.0697 0.0807 0.0094  -0.0123 -0.0081 5    GHP A O4  
62  C  C5  . GHP A 5 ? 0.0878 0.0756 0.0649 0.0058  -0.0017 -0.0191 5    GHP A C5  
63  C  C6  . GHP A 5 ? 0.0737 0.0737 0.0669 0.0101  -0.0027 -0.0159 5    GHP A C6  
64  N  N   . OMY A 6 ? 0.0698 0.0866 0.0664 0.0015  -0.0004 -0.0181 6    OMY A N   
65  C  CA  . OMY A 6 ? 0.0702 0.0889 0.0723 -0.0054 -0.0044 -0.0155 6    OMY A CA  
66  O  OCZ . OMY A 6 ? 0.1013 0.1078 0.1164 0.0191  -0.0157 -0.0603 6    OMY A OCZ 
67  C  CE2 . OMY A 6 ? 0.0841 0.1081 0.0957 -0.0027 0.0015  -0.0538 6    OMY A CE2 
68  C  CE1 . OMY A 6 ? 0.0948 0.0972 0.0843 -0.0031 -0.0082 -0.0269 6    OMY A CE1 
69  C  CZ  . OMY A 6 ? 0.0818 0.1021 0.0996 0.0107  -0.0080 -0.0529 6    OMY A CZ  
70  C  CG  . OMY A 6 ? 0.0780 0.0979 0.0777 -0.0008 -0.0017 -0.0310 6    OMY A CG  
71  C  CD2 . OMY A 6 ? 0.0905 0.0987 0.0954 0.0061  0.0064  -0.0453 6    OMY A CD2 
72  C  CD1 . OMY A 6 ? 0.0843 0.0944 0.0799 0.0034  -0.0074 -0.0300 6    OMY A CD1 
73  C  CB  . OMY A 6 ? 0.0756 0.0976 0.0721 -0.0016 -0.0031 -0.0183 6    OMY A CB  
74  CL CL  . OMY A 6 ? 0.1111 0.1123 0.1213 0.0170  -0.0082 -0.0107 6    OMY A CL  
75  O  O   . OMY A 6 ? 0.0910 0.0979 0.0931 0.0062  0.0052  0.0054  6    OMY A O   
76  C  C   . OMY A 6 ? 0.0757 0.0932 0.0661 -0.0019 -0.0098 -0.0122 6    OMY A C   
77  O  ODE . OMY A 6 ? 0.0851 0.1135 0.0733 -0.0042 -0.0057 -0.0239 6    OMY A ODE 
78  N  N   . 3FG A 7 ? 0.0707 0.0859 0.0683 0.0027  -0.0057 -0.0159 7    3FG A N   
79  O  OD1 . 3FG A 7 ? 0.1375 0.1105 0.0708 0.0058  0.0039  -0.0232 7    3FG A OD1 
80  C  CD1 . 3FG A 7 ? 0.0951 0.0814 0.0832 0.0199  0.0087  -0.0175 7    3FG A CD1 
81  C  CG1 . 3FG A 7 ? 0.0811 0.0694 0.0778 0.0126  -0.0020 -0.0135 7    3FG A CG1 
82  C  CZ  . 3FG A 7 ? 0.1055 0.1002 0.0887 0.0282  0.0224  -0.0092 7    3FG A CZ  
83  C  CD2 . 3FG A 7 ? 0.0920 0.0876 0.1099 0.0177  0.0120  -0.0137 7    3FG A CD2 
84  O  OD2 . 3FG A 7 ? 0.0881 0.1311 0.1344 0.0215  0.0271  -0.0143 7    3FG A OD2 
85  C  CG2 . 3FG A 7 ? 0.0764 0.0738 0.1010 0.0117  -0.0016 -0.0173 7    3FG A CG2 
86  C  CB  . 3FG A 7 ? 0.0766 0.0674 0.0809 0.0075  -0.0010 -0.0180 7    3FG A CB  
87  C  CA  . 3FG A 7 ? 0.0860 0.0764 0.0792 0.0094  -0.0064 -0.0156 7    3FG A CA  
88  C  C   . 3FG A 7 ? 0.0923 0.1049 0.0858 -0.0010 -0.0118 -0.0005 7    3FG A C   
89  O  O   . 3FG A 7 ? 0.1054 0.1039 0.0950 0.0074  -0.0183 -0.0234 7    3FG A O   
90  O  OXT . 3FG A 7 ? 0.1468 0.1005 0.1081 0.0314  -0.0445 -0.0198 7    3FG A OXT 
91  N  N   . MLU B 1 ? 0.1862 0.2244 0.1453 -0.0569 0.0409  -0.0117 1    MLU B N   
92  C  CN  . MLU B 1 ? 0.2777 0.2347 0.2243 -0.0652 0.1048  -0.0660 1    MLU B CN  
93  C  CA  . MLU B 1 ? 0.1900 0.1483 0.0886 -0.0662 0.0088  -0.0043 1    MLU B CA  
94  C  C   . MLU B 1 ? 0.1557 0.1009 0.0778 -0.0178 -0.0025 -0.0075 1    MLU B C   
95  O  O   . MLU B 1 ? 0.1863 0.1330 0.1106 0.0049  -0.0046 0.0285  1    MLU B O   
96  C  CB  . MLU B 1 ? 0.2979 0.1646 0.1277 -0.0993 -0.0168 -0.0081 1    MLU B CB  
97  C  CG  . MLU B 1 ? 0.3808 0.1436 0.1368 -0.0729 0.0021  -0.0087 1    MLU B CG  
98  C  CD1 . MLU B 1 ? 0.4427 0.1405 0.2159 -0.0604 0.0127  -0.0382 1    MLU B CD1 
99  C  CD2 . MLU B 1 ? 0.4741 0.2103 0.1268 -0.1134 -0.0440 0.0053  1    MLU B CD2 
100 N  N   . OMZ B 2 ? 0.1052 0.0931 0.0610 -0.0013 -0.0033 -0.0188 2    OMZ B N   
101 C  CA  . OMZ B 2 ? 0.0965 0.0752 0.0639 0.0118  -0.0083 -0.0222 2    OMZ B CA  
102 C  C   . OMZ B 2 ? 0.0845 0.0765 0.0675 0.0163  -0.0122 -0.0075 2    OMZ B C   
103 O  O   . OMZ B 2 ? 0.0858 0.1038 0.0724 0.0144  -0.0105 -0.0298 2    OMZ B O   
104 C  CB  . OMZ B 2 ? 0.1146 0.0701 0.0675 0.0105  -0.0082 -0.0169 2    OMZ B CB  
105 O  OC  . OMZ B 2 ? 0.1172 0.0998 0.0579 0.0053  -0.0024 -0.0202 2    OMZ B OC  
106 C  CG  . OMZ B 2 ? 0.0898 0.0758 0.0588 0.0124  -0.0125 -0.0241 2    OMZ B CG  
107 C  CD1 . OMZ B 2 ? 0.0938 0.0798 0.0661 0.0157  -0.0077 -0.0230 2    OMZ B CD1 
108 C  CD2 . OMZ B 2 ? 0.0934 0.0778 0.0722 0.0067  -0.0062 -0.0234 2    OMZ B CD2 
109 C  CE1 . OMZ B 2 ? 0.0958 0.0770 0.0636 0.0130  -0.0011 -0.0182 2    OMZ B CE1 
110 CL CL  . OMZ B 2 ? 0.1045 0.0862 0.0780 0.0132  -0.0058 -0.0132 2    OMZ B CL  
111 C  CE2 . OMZ B 2 ? 0.0906 0.0809 0.0682 0.0168  -0.0135 -0.0272 2    OMZ B CE2 
112 C  CZ  . OMZ B 2 ? 0.1056 0.0666 0.0654 0.0222  -0.0160 -0.0291 2    OMZ B CZ  
113 O  OH  . OMZ B 2 ? 0.1117 0.0773 0.0632 0.0231  -0.0227 -0.0282 2    OMZ B OH  
114 N  N   . ASN B 3 ? 0.0910 0.0744 0.0563 0.0138  -0.0034 -0.0153 3    ASN B N   
115 C  CA  . ASN B 3 ? 0.0817 0.0755 0.0695 0.0234  -0.0108 -0.0195 3    ASN B CA  
116 C  C   . ASN B 3 ? 0.0795 0.0725 0.0637 0.0143  -0.0131 -0.0182 3    ASN B C   
117 O  O   . ASN B 3 ? 0.0755 0.1010 0.0674 0.0097  -0.0064 -0.0116 3    ASN B O   
118 C  CB  . ASN B 3 ? 0.1218 0.0745 0.0782 0.0196  -0.0336 -0.0153 3    ASN B CB  
119 C  CG  . ASN B 3 ? 0.1796 0.0838 0.1271 0.0321  -0.0791 -0.0202 3    ASN B CG  
120 O  OD1 . ASN B 3 ? 0.3282 0.1009 0.1703 0.0528  -0.1639 -0.0271 3    ASN B OD1 
121 N  ND2 . ASN B 3 ? 0.2208 0.0770 0.1124 0.0288  -0.0692 -0.0191 3    ASN B ND2 
122 N  N   . GHP B 4 ? 0.0746 0.0657 0.0604 0.0100  -0.0028 -0.0184 4    GHP B N   
123 C  CA  . GHP B 4 ? 0.0723 0.0731 0.0578 0.0143  0.0007  -0.0144 4    GHP B CA  
124 C  C   . GHP B 4 ? 0.0736 0.0696 0.0632 0.0174  -0.0014 -0.0164 4    GHP B C   
125 O  O   . GHP B 4 ? 0.0695 0.0888 0.0689 0.0064  -0.0003 -0.0204 4    GHP B O   
126 C  C1  . GHP B 4 ? 0.0727 0.0774 0.0616 0.0166  -0.0070 -0.0190 4    GHP B C1  
127 C  C2  . GHP B 4 ? 0.0836 0.0695 0.0692 0.0285  -0.0172 -0.0209 4    GHP B C2  
128 C  C3  . GHP B 4 ? 0.0963 0.0665 0.0637 0.0175  -0.0145 -0.0220 4    GHP B C3  
129 C  C4  . GHP B 4 ? 0.0690 0.0759 0.0709 0.0183  -0.0160 -0.0247 4    GHP B C4  
130 O  O4  . GHP B 4 ? 0.0934 0.0739 0.0778 0.0305  -0.0240 -0.0264 4    GHP B O4  
131 C  C5  . GHP B 4 ? 0.0840 0.0707 0.0710 0.0175  -0.0203 -0.0198 4    GHP B C5  
132 C  C6  . GHP B 4 ? 0.0660 0.0713 0.0735 0.0205  -0.0145 -0.0192 4    GHP B C6  
133 N  N   . GHP B 5 ? 0.0679 0.0587 0.0630 0.0138  -0.0046 -0.0160 5    GHP B N   
134 C  CA  . GHP B 5 ? 0.0660 0.0670 0.0605 0.0113  -0.0023 -0.0181 5    GHP B CA  
135 C  C   . GHP B 5 ? 0.0742 0.0575 0.0626 0.0107  -0.0022 -0.0154 5    GHP B C   
136 O  O   . GHP B 5 ? 0.0642 0.0727 0.0674 0.0130  -0.0053 -0.0124 5    GHP B O   
137 C  C1  . GHP B 5 ? 0.0629 0.0615 0.0666 0.0122  -0.0044 -0.0122 5    GHP B C1  
138 C  C2  . GHP B 5 ? 0.0652 0.0695 0.0683 0.0182  -0.0028 -0.0120 5    GHP B C2  
139 C  C3  . GHP B 5 ? 0.0658 0.0736 0.0667 0.0148  -0.0035 -0.0159 5    GHP B C3  
140 C  C4  . GHP B 5 ? 0.0747 0.0631 0.0643 0.0210  -0.0108 -0.0149 5    GHP B C4  
141 O  O4  . GHP B 5 ? 0.0749 0.0618 0.0759 0.0110  -0.0060 -0.0189 5    GHP B O4  
142 C  C5  . GHP B 5 ? 0.0698 0.0623 0.0629 0.0093  -0.0016 -0.0101 5    GHP B C5  
143 C  C6  . GHP B 5 ? 0.0698 0.0684 0.0636 0.0157  -0.0045 -0.0141 5    GHP B C6  
144 N  N   . OMY B 6 ? 0.0702 0.0640 0.0616 0.0134  -0.0031 -0.0093 6    OMY B N   
145 C  CA  . OMY B 6 ? 0.0714 0.0612 0.0618 0.0123  -0.0029 -0.0093 6    OMY B CA  
146 O  OCZ . OMY B 6 ? 0.0917 0.0643 0.0707 0.0184  -0.0251 -0.0170 6    OMY B OCZ 
147 C  CE2 . OMY B 6 ? 0.0816 0.0643 0.0676 0.0161  -0.0080 -0.0131 6    OMY B CE2 
148 C  CE1 . OMY B 6 ? 0.0811 0.0633 0.0580 0.0268  -0.0056 -0.0132 6    OMY B CE1 
149 C  CZ  . OMY B 6 ? 0.0852 0.0604 0.0685 0.0271  -0.0170 -0.0190 6    OMY B CZ  
150 C  CG  . OMY B 6 ? 0.0702 0.0701 0.0607 0.0187  -0.0107 -0.0160 6    OMY B CG  
151 C  CD2 . OMY B 6 ? 0.0804 0.0674 0.0644 0.0152  -0.0063 -0.0126 6    OMY B CD2 
152 C  CD1 . OMY B 6 ? 0.0637 0.0732 0.0655 0.0210  -0.0054 -0.0103 6    OMY B CD1 
153 C  CB  . OMY B 6 ? 0.0737 0.0682 0.0617 0.0153  -0.0077 -0.0130 6    OMY B CB  
154 CL CL  . OMY B 6 ? 0.0779 0.0964 0.0627 0.0259  -0.0074 -0.0172 6    OMY B CL  
155 O  O   . OMY B 6 ? 0.0871 0.0871 0.0681 0.0044  0.0020  -0.0277 6    OMY B O   
156 C  C   . OMY B 6 ? 0.0675 0.0735 0.0680 0.0194  -0.0101 -0.0061 6    OMY B C   
157 O  ODE . OMY B 6 ? 0.0807 0.0725 0.0622 0.0179  -0.0098 -0.0139 6    OMY B ODE 
158 N  N   . 3FG B 7 ? 0.0683 0.0695 0.0647 0.0134  -0.0066 -0.0151 7    3FG B N   
159 O  OD1 . 3FG B 7 ? 0.0842 0.0793 0.0697 0.0067  0.0031  -0.0023 7    3FG B OD1 
160 C  CD1 . 3FG B 7 ? 0.0830 0.0655 0.0654 0.0067  0.0019  -0.0168 7    3FG B CD1 
161 C  CG1 . 3FG B 7 ? 0.0705 0.0656 0.0650 0.0117  -0.0033 -0.0178 7    3FG B CG1 
162 C  CZ  . 3FG B 7 ? 0.0901 0.0693 0.0994 -0.0046 0.0049  -0.0144 7    3FG B CZ  
163 C  CD2 . 3FG B 7 ? 0.0718 0.0838 0.1380 -0.0103 0.0030  -0.0172 7    3FG B CD2 
164 O  OD2 . 3FG B 7 ? 0.0796 0.1224 0.2020 -0.0249 -0.0089 0.0284  7    3FG B OD2 
165 C  CG2 . 3FG B 7 ? 0.0751 0.0779 0.1011 0.0044  -0.0101 -0.0243 7    3FG B CG2 
166 C  CB  . 3FG B 7 ? 0.0705 0.0660 0.0729 0.0107  -0.0056 -0.0210 7    3FG B CB  
167 C  CA  . 3FG B 7 ? 0.0691 0.0706 0.0735 0.0169  -0.0124 -0.0199 7    3FG B CA  
168 C  C   . 3FG B 7 ? 0.0885 0.0813 0.0788 0.0200  -0.0187 -0.0237 7    3FG B C   
169 O  O   . 3FG B 7 ? 0.1005 0.0778 0.0988 0.0287  -0.0407 -0.0190 7    3FG B O   
170 O  OXT . 3FG B 7 ? 0.1183 0.0933 0.1110 0.0229  -0.0522 -0.0440 7    3FG B OXT 
171 C  C1  . DVC C . ? 0.0989 0.1382 0.0786 -0.0120 -0.0050 -0.0220 9    DVC A C1  
172 C  C2  . DVC C . ? 0.1339 0.1450 0.0760 -0.0108 -0.0084 -0.0182 9    DVC A C2  
173 C  C3  . DVC C . ? 0.0876 0.1616 0.0903 -0.0020 -0.0065 -0.0132 9    DVC A C3  
174 N  N3  . DVC C . ? 0.0984 0.2067 0.0925 0.0049  -0.0083 0.0171  9    DVC A N3  
175 C  C4  . DVC C . ? 0.1139 0.2235 0.0919 -0.0236 0.0035  0.0130  9    DVC A C4  
176 O  O4  . DVC C . ? 0.1688 0.3089 0.0838 -0.1034 -0.0261 0.0107  9    DVC A O4  
177 C  C5  . DVC C . ? 0.0933 0.1789 0.0894 -0.0036 -0.0075 -0.0030 9    DVC A C5  
178 O  O5  . DVC C . ? 0.1265 0.1582 0.0843 -0.0364 -0.0087 -0.0248 9    DVC A O5  
179 C  C6  . DVC C . ? 0.1119 0.2580 0.1083 -0.0571 -0.0216 0.0304  9    DVC A C6  
180 C  C3M . DVC C . ? 0.1030 0.1541 0.1120 0.0163  0.0023  0.0052  9    DVC A C3M 
181 O  O41 . DVC C . ? 0.1008 0.3007 0.1429 0.0253  -0.0199 0.0758  9    DVC A O41 
182 N  N   . DAL D . ? 0.1504 0.0929 0.1013 -0.0044 -0.0245 -0.0088 11   DAL A N   
183 C  CA  . DAL D . ? 0.1452 0.0935 0.1102 0.0044  -0.0224 -0.0116 11   DAL A CA  
184 C  CB  . DAL D . ? 0.1604 0.0972 0.1236 -0.0037 -0.0297 0.0031  11   DAL A CB  
185 C  C   . DAL D . ? 0.1432 0.1189 0.0995 -0.0107 0.0091  -0.0099 11   DAL A C   
186 O  O   . DAL D . ? 0.1558 0.0994 0.1191 0.0199  -0.0032 -0.0117 11   DAL A O   
187 N  N   . DAL E . ? 0.1241 0.0926 0.1569 -0.0141 0.0347  -0.0196 12   DAL A N   
188 C  CA  . DAL E . ? 0.1192 0.1219 0.1612 -0.0259 0.0443  -0.0166 12   DAL A CA  
189 C  CB  . DAL E . ? 0.1332 0.1165 0.1914 -0.0364 0.0289  -0.0619 12   DAL A CB  
190 C  C   . DAL E . ? 0.1170 0.0776 0.1474 -0.0075 0.0517  -0.0258 12   DAL A C   
191 O  O   . DAL E . ? 0.1437 0.0959 0.1086 -0.0281 0.0316  -0.0212 12   DAL A O   
192 O  OXT . DAL E . ? 0.1119 0.0844 0.2068 0.0056  0.0478  -0.0209 12   DAL A OXT 
193 NA NA  . NA  F . ? 0.0881 0.0700 0.0875 0.0027  0.0227  0.0019  1001 NA  A NA  
194 C  C1  . DVC G . ? 0.0843 0.0753 0.0783 0.0185  -0.0150 -0.0154 9    DVC B C1  
195 C  C2  . DVC G . ? 0.1116 0.0960 0.0781 0.0216  -0.0082 -0.0021 9    DVC B C2  
196 C  C3  . DVC G . ? 0.1341 0.1206 0.0661 0.0227  -0.0087 -0.0034 9    DVC B C3  
197 N  N3  . DVC G . ? 0.1924 0.1606 0.0800 -0.0006 -0.0017 0.0070  9    DVC B N3  
198 C  C4  . DVC G . ? 0.1351 0.1133 0.0719 0.0223  -0.0294 -0.0146 9    DVC B C4  
199 O  O4  . DVC G . ? 0.1554 0.1261 0.0931 0.0320  -0.0380 0.0061  9    DVC B O4  
200 C  C5  . DVC G . ? 0.1042 0.0857 0.0734 0.0163  -0.0266 -0.0127 9    DVC B C5  
201 O  O5  . DVC G . ? 0.0895 0.0776 0.0739 0.0165  -0.0174 -0.0126 9    DVC B O5  
202 C  C6  . DVC G . ? 0.1101 0.0948 0.1110 0.0105  -0.0431 -0.0179 9    DVC B C6  
203 C  C3M . DVC G . ? 0.1275 0.1210 0.0804 0.0160  -0.0080 -0.0333 9    DVC B C3M 
204 O  O41 . DVC G . ? 0.1579 0.1426 0.0798 0.0077  -0.0367 -0.0372 9    DVC B O41 
205 N  N   . DAL H . ? 0.1010 0.1076 0.0983 0.0178  -0.0023 -0.0393 11   DAL B N   
206 C  CA  . DAL H . ? 0.0894 0.0973 0.0784 0.0222  -0.0048 -0.0264 11   DAL B CA  
207 C  CB  . DAL H . ? 0.1058 0.0959 0.0994 0.0267  -0.0150 -0.0254 11   DAL B CB  
208 C  C   . DAL H . ? 0.1225 0.1002 0.0671 0.0269  0.0039  -0.0190 11   DAL B C   
209 O  O   . DAL H . ? 0.1918 0.0957 0.0963 -0.0144 0.0260  -0.0194 11   DAL B O   
210 N  N   . DAL I . ? 0.0835 0.0929 0.0743 0.0100  -0.0005 -0.0273 12   DAL B N   
211 C  CA  . DAL I . ? 0.0784 0.1079 0.0774 0.0125  0.0080  -0.0342 12   DAL B CA  
212 C  CB  . DAL I . ? 0.1215 0.0911 0.1168 0.0243  -0.0198 -0.0381 12   DAL B CB  
213 C  C   . DAL I . ? 0.0872 0.0982 0.0704 0.0071  -0.0042 -0.0147 12   DAL B C   
214 O  O   . DAL I . ? 0.0909 0.1098 0.0685 0.0105  0.0052  -0.0104 12   DAL B O   
215 O  OXT . DAL I . ? 0.1003 0.1157 0.0822 0.0045  -0.0031 -0.0341 12   DAL B OXT 
216 C  C1  . PGO J . ? 0.0967 0.1004 0.0915 0.0184  -0.0232 -0.0345 1001 PGO B C1  
217 C  C2  . PGO J . ? 0.0881 0.0926 0.0882 0.0127  -0.0186 -0.0152 1001 PGO B C2  
218 C  C3  . PGO J . ? 0.0928 0.1021 0.1244 0.0082  -0.0177 -0.0287 1001 PGO B C3  
219 O  O1  . PGO J . ? 0.0997 0.0890 0.0759 0.0141  -0.0146 -0.0223 1001 PGO B O1  
220 O  O2  . PGO J . ? 0.1134 0.1689 0.1635 0.0382  0.0062  0.0581  1001 PGO B O2  
221 NA NA  . NA  K . ? 0.0989 0.0995 0.0920 0.0160  -0.0117 -0.0120 1002 NA  B NA  
222 O  O   . HOH L . ? 0.0830 0.1080 0.0716 0.0045  -0.0063 0.0185  2001 HOH A O   
223 O  O   . HOH L . ? 0.1573 0.2206 0.1467 0.0012  -0.0030 0.0258  2002 HOH A O   
224 O  O   . HOH L . ? 0.2643 0.4407 0.4449 -0.0145 -0.1321 -0.0446 2003 HOH A O   
225 O  O   . HOH L . ? 0.7003 0.5437 0.6753 0.1176  0.0092  -0.0400 2004 HOH A O   
226 O  O   . HOH L . ? 0.6601 0.3289 0.3274 -0.0647 -0.1621 0.0080  2005 HOH A O   
227 O  O   . HOH L . ? 0.2770 0.1644 0.1322 -0.0691 -0.0163 0.0500  2006 HOH A O   
228 O  O   . HOH L . ? 0.7454 1.0974 0.2976 0.0346  0.1313  0.0729  2007 HOH A O   
229 O  O   . HOH L . ? 0.5429 1.0213 0.4452 0.1741  0.2362  -0.2255 2008 HOH A O   
230 O  O   . HOH L . ? 0.5323 0.5350 0.2938 -0.1947 -0.1835 0.0662  2009 HOH A O   
231 O  O   . HOH L . ? 0.4293 0.4781 0.6200 0.0118  -0.1341 -0.3981 2010 HOH A O   
232 O  O   . HOH L . ? 0.2665 0.1942 0.4220 -0.0408 0.1201  -0.1380 2011 HOH A O   
233 O  O   . HOH L . ? 0.0911 0.0786 0.1373 0.0119  0.0028  -0.0170 2012 HOH A O   
234 O  O   . HOH L . ? 0.1643 0.2767 0.3313 -0.1154 -0.0252 0.0841  2013 HOH A O   
235 O  O   . HOH L . ? 0.3873 0.3747 0.1266 -0.2528 0.0997  -0.1376 2014 HOH A O   
236 O  O   . HOH L . ? 0.1403 0.3522 0.2205 -0.0297 -0.0290 0.0549  2015 HOH A O   
237 O  O   . HOH L . ? 0.3566 0.3670 0.4637 0.1033  -0.0193 -0.0645 2016 HOH A O   
238 O  O   . HOH L . ? 0.2237 0.2084 0.4562 0.0322  0.0350  -0.0215 2017 HOH A O   
239 O  O   . HOH L . ? 0.2562 0.2238 0.2927 0.0042  -0.0729 0.0639  2018 HOH A O   
240 O  O   . HOH L . ? 0.4324 1.0007 0.4739 0.2212  0.1880  0.2034  2019 HOH A O   
241 O  O   . HOH L . ? 0.3331 0.2720 0.1523 0.0671  -0.0306 0.0544  2020 HOH A O   
242 O  O   . HOH L . ? 0.1940 0.4500 0.3086 0.1235  -0.0854 -0.1181 2021 HOH A O   
243 O  O   . HOH L . ? 0.1583 0.1151 0.1119 -0.0258 -0.0015 -0.0150 2022 HOH A O   
244 O  O   . HOH L . ? 0.1444 0.0947 0.3655 0.0031  0.0009  0.0010  2023 HOH A O   
245 O  O   . HOH M . ? 0.3835 0.3498 0.1543 -0.1007 -0.0195 0.0622  2001 HOH B O   
246 O  O   . HOH M . ? 0.2444 0.6083 0.5557 -0.2394 0.0235  -0.0939 2002 HOH B O   
247 O  O   . HOH M . ? 0.3734 0.4123 0.4007 -0.0241 -0.0615 -0.0240 2003 HOH B O   
248 O  O   . HOH M . ? 0.4141 0.1575 0.4916 -0.0175 -0.0612 -0.0385 2004 HOH B O   
249 O  O   . HOH M . ? 0.0853 0.0897 0.0765 0.0000  -0.0143 -0.0148 2005 HOH B O   
250 O  O   . HOH M . ? 0.1535 0.1327 0.0756 0.0003  -0.0167 -0.0106 2006 HOH B O   
251 O  O   . HOH M . ? 0.5753 0.3953 0.8761 -0.1401 -0.3968 0.2325  2007 HOH B O   
253 O  O   . HOH M . ? 0.7803 0.3534 0.2998 0.2826  0.1251  -0.0634 2009 HOH B O   
254 O  O   . HOH M . ? 0.4615 0.6437 0.3560 -0.0446 -0.1945 0.2098  2010 HOH B O   
255 O  O   . HOH M . ? 0.3345 0.5944 0.2837 0.1682  0.1513  0.1172  2011 HOH B O   
256 O  O   . HOH M . ? 0.0917 0.0832 0.1037 0.0222  0.0120  -0.0274 2012 HOH B O   
257 O  O   . HOH M . ? 0.1082 0.2640 0.1189 0.0291  0.0188  -0.0339 2013 HOH B O   
258 O  O   . HOH M . ? 0.4821 0.4648 0.1894 -0.2050 0.0230  0.0370  2014 HOH B O   
259 O  O   . HOH M . ? 0.5237 0.7934 0.3841 -0.2882 -0.0781 0.3082  2015 HOH B O   
260 O  O   . HOH M . ? 0.1964 0.2264 0.4073 0.0044  0.0124  0.0683  2016 HOH B O   
261 O  O   . HOH M . ? 0.2562 0.4881 0.4652 -0.1346 -0.1772 0.1642  2017 HOH B O   
262 O  O   . HOH M . ? 0.2333 0.3615 0.2057 0.1001  0.0466  -0.0289 2018 HOH B O   
263 O  O   . HOH M . ? 0.3160 0.2233 0.5769 0.0114  -0.2927 -0.0985 2019 HOH B O   
264 O  O   . HOH M . ? 0.2521 0.2062 0.1873 -0.0954 0.0602  -0.0402 2020 HOH B O   
265 O  O   . HOH M . ? 0.0996 0.1201 0.0966 0.0203  0.0255  -0.0074 2021 HOH B O   
266 O  O   . HOH M . ? 0.4383 0.3148 0.1763 -0.0154 0.0116  -0.0907 2022 HOH B O   
267 O  O   . HOH M . ? 0.5217 0.3217 0.5358 0.1546  -0.3072 -0.0816 2023 HOH B O   
268 O  O   . HOH M . ? 0.4496 0.1410 0.1535 0.0242  -0.0909 -0.0066 2024 HOH B O   
269 O  O   . HOH M . ? 0.5505 0.6625 0.4658 0.3174  0.0436  0.2050  2025 HOH B O   
270 O  O   . HOH M . ? 0.4925 0.4567 0.2845 -0.0834 0.0040  0.0875  2026 HOH B O   
271 O  O   . HOH M . ? 0.1709 0.3408 0.2039 -0.0981 -0.0415 0.1416  2027 HOH B O   
272 O  O   . HOH M . ? 0.1489 0.1548 0.2701 0.0565  0.0325  -0.0542 2028 HOH B O   
273 O  O   . HOH M . ? 0.2155 0.5432 0.1358 0.1492  0.0229  -0.0836 2029 HOH B O   
274 O  O   . HOH M . ? 0.2937 0.7079 0.2410 -0.0838 -0.0485 0.2536  2030 HOH B O   
# 
